data_3LVY
#
_entry.id   3LVY
#
_cell.length_a   97.996
_cell.length_b   73.741
_cell.length_c   183.708
_cell.angle_alpha   90.00
_cell.angle_beta   98.68
_cell.angle_gamma   90.00
#
_symmetry.space_group_name_H-M   'C 1 2 1'
#
loop_
_entity.id
_entity.type
_entity.pdbx_description
1 polymer 'Carboxymuconolactone decarboxylase family'
2 non-polymer BETA-MERCAPTOETHANOL
3 non-polymer 'CHLORIDE ION'
4 non-polymer 'SULFATE ION'
5 water water
#
_entity_poly.entity_id   1
_entity_poly.type   'polypeptide(L)'
_entity_poly.pdbx_seq_one_letter_code
;(MSE)GSSHHHHHHSSGRENLYFQGH(MSE)SKFTIHTIETAPERVKETLRTVKKDNGGYIPNLIGLLANAPTALETYRT
VGEINRRNSLTPTEREVVQITAAVTNGCAFCVAGHTAFSIKQIQ(MSE)APDLLEALRNATPIDDDPKLDTLAKFTIAVI
NTKGRVGDEAFADFLEVGYTPENALDVVLGVSLASLCNYANN(MSE)ADTPINPELQQYVKGS
;
_entity_poly.pdbx_strand_id   A,B,C,D,E,F
#
loop_
_chem_comp.id
_chem_comp.type
_chem_comp.name
_chem_comp.formula
BME non-polymer BETA-MERCAPTOETHANOL 'C2 H6 O S'
CL non-polymer 'CHLORIDE ION' 'Cl -1'
SO4 non-polymer 'SULFATE ION' 'O4 S -2'
#
# COMPACT_ATOMS: atom_id res chain seq x y z
N MSE A 23 34.26 -1.22 -3.47
CA MSE A 23 33.00 -0.94 -2.77
C MSE A 23 32.46 0.46 -3.10
O MSE A 23 31.51 0.59 -3.89
CB MSE A 23 33.17 -1.09 -1.25
CG MSE A 23 32.82 -2.49 -0.71
SE MSE A 23 33.62 -2.91 1.03
CE MSE A 23 32.63 -1.68 2.18
N SER A 24 33.05 1.47 -2.49
CA SER A 24 32.61 2.86 -2.68
C SER A 24 32.91 3.39 -4.07
N LYS A 25 32.01 4.16 -4.65
CA LYS A 25 32.33 4.87 -5.87
C LYS A 25 33.28 6.07 -5.58
N PHE A 26 33.12 6.72 -4.43
CA PHE A 26 33.91 7.91 -4.11
C PHE A 26 34.73 7.78 -2.85
N THR A 27 35.87 8.48 -2.86
CA THR A 27 36.65 8.72 -1.67
C THR A 27 36.00 9.84 -0.87
N ILE A 28 35.85 9.67 0.42
CA ILE A 28 35.30 10.73 1.23
C ILE A 28 36.56 11.41 1.68
N HIS A 29 36.81 12.63 1.22
CA HIS A 29 38.11 13.24 1.51
C HIS A 29 38.27 13.78 2.91
N THR A 30 39.50 13.68 3.43
CA THR A 30 39.90 14.40 4.64
C THR A 30 40.70 15.63 4.21
N ILE A 31 41.07 16.47 5.16
CA ILE A 31 41.97 17.60 4.84
C ILE A 31 43.27 17.08 4.23
N GLU A 32 43.73 15.96 4.78
N GLU A 32 43.80 16.00 4.79
CA GLU A 32 44.98 15.31 4.39
CA GLU A 32 45.04 15.42 4.28
C GLU A 32 45.01 14.75 2.95
C GLU A 32 44.95 14.98 2.81
N THR A 33 43.87 14.29 2.44
CA THR A 33 43.80 13.73 1.09
C THR A 33 43.16 14.63 0.03
N ALA A 34 42.45 15.67 0.43
CA ALA A 34 41.77 16.54 -0.53
C ALA A 34 42.74 17.31 -1.46
N PRO A 35 42.27 17.68 -2.66
CA PRO A 35 43.11 18.50 -3.54
C PRO A 35 43.52 19.77 -2.82
N GLU A 36 44.79 20.15 -3.01
CA GLU A 36 45.37 21.30 -2.35
C GLU A 36 44.42 22.48 -2.31
N ARG A 37 43.79 22.81 -3.43
CA ARG A 37 43.05 24.08 -3.46
C ARG A 37 41.77 24.10 -2.64
N VAL A 38 41.39 22.97 -2.06
CA VAL A 38 40.22 22.93 -1.17
C VAL A 38 40.60 22.59 0.28
N LYS A 39 41.88 22.38 0.55
CA LYS A 39 42.27 22.02 1.90
C LYS A 39 41.84 23.12 2.87
N GLU A 40 41.98 24.37 2.47
CA GLU A 40 41.75 25.45 3.41
C GLU A 40 40.26 25.54 3.73
N THR A 41 39.44 25.15 2.77
CA THR A 41 37.98 25.13 2.91
C THR A 41 37.51 23.98 3.79
N LEU A 42 38.10 22.81 3.61
CA LEU A 42 37.79 21.71 4.49
C LEU A 42 38.23 22.04 5.93
N ARG A 43 39.33 22.79 6.15
CA ARG A 43 39.79 23.13 7.51
C ARG A 43 38.73 24.01 8.17
N THR A 44 38.22 24.97 7.38
CA THR A 44 37.20 25.92 7.81
C THR A 44 35.90 25.17 8.18
N VAL A 45 35.47 24.29 7.28
CA VAL A 45 34.27 23.46 7.54
C VAL A 45 34.37 22.68 8.86
N LYS A 46 35.51 22.05 9.08
CA LYS A 46 35.71 21.23 10.26
C LYS A 46 35.59 22.10 11.53
N LYS A 47 36.20 23.27 11.53
CA LYS A 47 36.10 24.18 12.69
C LYS A 47 34.67 24.63 12.90
N ASP A 48 34.07 25.14 11.83
CA ASP A 48 32.68 25.60 11.88
C ASP A 48 31.72 24.51 12.38
N ASN A 49 32.07 23.24 12.18
CA ASN A 49 31.20 22.15 12.60
C ASN A 49 31.64 21.49 13.90
N GLY A 50 32.43 22.21 14.70
CA GLY A 50 32.86 21.71 16.00
C GLY A 50 33.75 20.48 15.97
N GLY A 51 34.48 20.28 14.88
CA GLY A 51 35.50 19.24 14.83
C GLY A 51 35.21 18.05 13.91
N TYR A 52 34.24 18.16 13.02
CA TYR A 52 34.05 17.12 12.00
C TYR A 52 33.65 17.69 10.66
N ILE A 53 33.95 16.95 9.61
CA ILE A 53 33.56 17.32 8.26
C ILE A 53 32.38 16.45 7.85
N PRO A 54 31.21 17.06 7.65
CA PRO A 54 30.06 16.26 7.16
C PRO A 54 30.42 15.55 5.85
N ASN A 55 30.07 14.28 5.69
CA ASN A 55 30.63 13.49 4.58
C ASN A 55 30.19 13.99 3.22
N LEU A 56 29.14 14.79 3.17
CA LEU A 56 28.79 15.50 1.95
C LEU A 56 29.93 16.40 1.41
N ILE A 57 30.60 17.13 2.31
CA ILE A 57 31.70 18.00 1.95
C ILE A 57 32.91 17.17 1.56
N GLY A 58 33.16 16.13 2.34
CA GLY A 58 34.24 15.23 2.04
C GLY A 58 34.06 14.59 0.68
N LEU A 59 32.80 14.35 0.30
CA LEU A 59 32.47 13.83 -1.04
C LEU A 59 32.68 14.88 -2.15
N LEU A 60 32.14 16.08 -1.96
CA LEU A 60 32.25 17.10 -2.98
C LEU A 60 33.71 17.59 -3.15
N ALA A 61 34.56 17.40 -2.14
CA ALA A 61 36.00 17.75 -2.31
C ALA A 61 36.66 17.09 -3.54
N ASN A 62 36.11 15.94 -3.98
CA ASN A 62 36.55 15.25 -5.19
C ASN A 62 36.43 16.15 -6.40
N ALA A 63 35.48 17.07 -6.38
CA ALA A 63 35.29 17.96 -7.52
C ALA A 63 35.16 19.39 -7.05
N PRO A 64 36.32 20.08 -6.95
CA PRO A 64 36.36 21.39 -6.32
C PRO A 64 35.34 22.37 -6.86
N THR A 65 35.08 22.40 -8.18
CA THR A 65 33.98 23.24 -8.66
C THR A 65 32.62 22.84 -8.07
N ALA A 66 32.41 21.56 -7.79
CA ALA A 66 31.11 21.14 -7.20
C ALA A 66 31.04 21.55 -5.73
N LEU A 67 32.12 21.34 -4.99
CA LEU A 67 32.26 21.90 -3.62
C LEU A 67 32.08 23.41 -3.57
N GLU A 68 32.72 24.13 -4.50
CA GLU A 68 32.60 25.58 -4.57
C GLU A 68 31.17 26.03 -4.82
N THR A 69 30.51 25.37 -5.75
CA THR A 69 29.12 25.71 -6.04
C THR A 69 28.24 25.52 -4.79
N TYR A 70 28.47 24.42 -4.12
CA TYR A 70 27.60 24.10 -3.00
C TYR A 70 27.78 25.16 -1.90
N ARG A 71 29.03 25.46 -1.57
CA ARG A 71 29.31 26.56 -0.61
C ARG A 71 28.79 27.92 -1.06
N THR A 72 29.11 28.32 -2.29
CA THR A 72 28.69 29.61 -2.80
C THR A 72 27.15 29.77 -2.91
N VAL A 73 26.46 28.78 -3.48
CA VAL A 73 24.99 28.88 -3.58
C VAL A 73 24.37 28.91 -2.17
N GLY A 74 24.95 28.14 -1.25
CA GLY A 74 24.48 28.18 0.15
C GLY A 74 24.47 29.61 0.68
N GLU A 75 25.57 30.31 0.38
CA GLU A 75 25.73 31.70 0.80
C GLU A 75 24.78 32.65 0.07
N ILE A 76 24.59 32.47 -1.23
CA ILE A 76 23.57 33.27 -1.93
C ILE A 76 22.15 33.03 -1.42
N ASN A 77 21.82 31.77 -1.26
CA ASN A 77 20.53 31.36 -0.74
C ASN A 77 20.16 32.03 0.61
N ARG A 78 21.09 32.05 1.57
N ARG A 78 21.11 32.06 1.54
CA ARG A 78 20.85 32.80 2.82
CA ARG A 78 20.87 32.76 2.81
C ARG A 78 20.39 34.24 2.61
C ARG A 78 20.56 34.26 2.65
N ARG A 79 20.76 34.81 1.46
CA ARG A 79 20.44 36.21 1.21
C ARG A 79 19.10 36.40 0.48
N ASN A 80 18.36 35.33 0.33
CA ASN A 80 17.24 35.34 -0.62
C ASN A 80 15.98 35.92 0.07
N SER A 81 14.84 35.87 -0.62
CA SER A 81 13.62 36.46 -0.08
C SER A 81 12.89 35.62 0.98
N LEU A 82 13.38 34.43 1.29
CA LEU A 82 12.68 33.58 2.32
C LEU A 82 13.29 33.80 3.73
N THR A 83 12.57 33.48 4.80
CA THR A 83 13.19 33.52 6.11
C THR A 83 14.11 32.31 6.28
N PRO A 84 15.02 32.34 7.27
CA PRO A 84 15.82 31.14 7.53
C PRO A 84 14.93 29.88 7.77
N THR A 85 13.77 30.02 8.43
CA THR A 85 12.90 28.85 8.69
C THR A 85 12.34 28.33 7.35
N GLU A 86 11.79 29.24 6.55
CA GLU A 86 11.31 28.89 5.21
C GLU A 86 12.39 28.26 4.35
N ARG A 87 13.63 28.73 4.45
CA ARG A 87 14.67 28.06 3.67
C ARG A 87 14.85 26.60 4.10
N GLU A 88 14.73 26.34 5.39
CA GLU A 88 14.80 24.96 5.88
C GLU A 88 13.56 24.15 5.50
N VAL A 89 12.39 24.79 5.48
CA VAL A 89 11.21 24.14 4.93
C VAL A 89 11.49 23.60 3.51
N VAL A 90 12.07 24.45 2.66
CA VAL A 90 12.41 24.03 1.31
C VAL A 90 13.40 22.88 1.34
N GLN A 91 14.50 23.03 2.09
CA GLN A 91 15.57 22.02 2.05
C GLN A 91 15.16 20.65 2.59
N ILE A 92 14.46 20.62 3.72
CA ILE A 92 14.02 19.35 4.31
C ILE A 92 13.01 18.67 3.37
N THR A 93 12.03 19.43 2.91
CA THR A 93 11.03 18.85 2.01
C THR A 93 11.69 18.32 0.74
N ALA A 94 12.69 19.02 0.21
CA ALA A 94 13.35 18.54 -1.01
C ALA A 94 14.13 17.26 -0.75
N ALA A 95 14.92 17.25 0.31
CA ALA A 95 15.64 16.02 0.69
C ALA A 95 14.69 14.79 0.91
N VAL A 96 13.53 15.01 1.52
CA VAL A 96 12.55 13.92 1.69
C VAL A 96 11.96 13.50 0.33
N THR A 97 11.53 14.48 -0.48
CA THR A 97 11.01 14.16 -1.81
C THR A 97 12.07 13.55 -2.71
N ASN A 98 13.34 13.91 -2.51
CA ASN A 98 14.43 13.38 -3.32
C ASN A 98 15.02 12.08 -2.80
N GLY A 99 14.52 11.68 -1.64
CA GLY A 99 14.88 10.41 -1.04
C GLY A 99 16.30 10.37 -0.54
N CYS A 100 16.76 11.48 0.04
CA CYS A 100 18.16 11.57 0.46
C CYS A 100 18.32 11.59 1.98
N ALA A 101 18.61 10.43 2.58
CA ALA A 101 18.76 10.34 4.04
C ALA A 101 19.82 11.30 4.63
N PHE A 102 20.97 11.42 3.96
CA PHE A 102 22.07 12.22 4.53
C PHE A 102 21.58 13.62 4.75
N CYS A 103 20.93 14.20 3.76
N CYS A 103 20.91 14.16 3.73
CA CYS A 103 20.52 15.59 3.85
CA CYS A 103 20.44 15.54 3.75
C CYS A 103 19.27 15.79 4.74
C CYS A 103 19.32 15.74 4.77
N VAL A 104 18.43 14.76 4.90
CA VAL A 104 17.34 14.89 5.86
C VAL A 104 17.98 15.00 7.23
N ALA A 105 18.99 14.16 7.48
CA ALA A 105 19.67 14.23 8.78
C ALA A 105 20.42 15.55 8.98
N GLY A 106 21.16 15.98 7.96
CA GLY A 106 21.99 17.19 8.05
C GLY A 106 21.13 18.41 8.31
N HIS A 107 20.04 18.52 7.55
CA HIS A 107 19.16 19.68 7.76
C HIS A 107 18.37 19.68 9.04
N THR A 108 18.04 18.48 9.51
CA THR A 108 17.38 18.35 10.80
C THR A 108 18.32 18.90 11.88
N ALA A 109 19.58 18.50 11.83
CA ALA A 109 20.55 18.93 12.84
C ALA A 109 20.76 20.45 12.81
N PHE A 110 20.83 21.01 11.61
CA PHE A 110 20.93 22.45 11.46
C PHE A 110 19.69 23.13 11.99
N SER A 111 18.50 22.60 11.69
CA SER A 111 17.27 23.26 12.13
C SER A 111 17.12 23.23 13.65
N ILE A 112 17.66 22.19 14.26
CA ILE A 112 17.58 22.07 15.74
C ILE A 112 18.62 22.98 16.39
N LYS A 113 19.88 22.90 15.95
CA LYS A 113 20.99 23.58 16.61
C LYS A 113 21.14 25.05 16.23
N GLN A 114 20.97 25.37 14.95
CA GLN A 114 21.11 26.75 14.50
C GLN A 114 19.83 27.55 14.68
N ILE A 115 18.69 26.95 14.36
CA ILE A 115 17.43 27.69 14.28
C ILE A 115 16.50 27.46 15.47
N GLN A 116 16.75 26.40 16.25
CA GLN A 116 15.83 25.95 17.30
C GLN A 116 14.37 25.85 16.82
N MSE A 117 14.16 25.23 15.66
CA MSE A 117 12.84 25.01 15.10
C MSE A 117 11.91 24.27 16.09
O MSE A 117 12.32 23.30 16.73
CB MSE A 117 12.99 24.20 13.80
CG MSE A 117 11.73 24.02 13.04
SE MSE A 117 12.14 23.20 11.34
CE MSE A 117 13.21 24.63 10.50
N ALA A 118 10.68 24.74 16.26
CA ALA A 118 9.68 23.96 16.99
C ALA A 118 9.62 22.49 16.53
N PRO A 119 9.61 21.55 17.49
CA PRO A 119 9.63 20.10 17.24
C PRO A 119 8.48 19.60 16.36
N ASP A 120 7.28 20.17 16.50
CA ASP A 120 6.13 19.83 15.66
C ASP A 120 6.34 20.26 14.20
N LEU A 121 6.97 21.41 13.99
CA LEU A 121 7.24 21.87 12.63
C LEU A 121 8.26 20.93 12.04
N LEU A 122 9.32 20.68 12.79
CA LEU A 122 10.37 19.79 12.31
C LEU A 122 9.84 18.39 11.95
N GLU A 123 8.96 17.87 12.79
CA GLU A 123 8.43 16.53 12.59
C GLU A 123 7.60 16.43 11.31
N ALA A 124 6.66 17.37 11.16
CA ALA A 124 5.90 17.50 9.95
C ALA A 124 6.76 17.58 8.68
N LEU A 125 7.79 18.45 8.69
CA LEU A 125 8.63 18.64 7.51
C LEU A 125 9.37 17.35 7.12
N ARG A 126 9.96 16.72 8.13
CA ARG A 126 10.66 15.43 7.97
C ARG A 126 9.74 14.33 7.42
N ASN A 127 8.48 14.34 7.85
CA ASN A 127 7.53 13.27 7.49
C ASN A 127 6.74 13.57 6.21
N ALA A 128 6.97 14.77 5.65
CA ALA A 128 6.18 15.36 4.56
C ALA A 128 4.69 15.35 4.83
N THR A 129 4.32 15.62 6.08
CA THR A 129 2.93 15.76 6.45
C THR A 129 2.56 17.18 6.85
N PRO A 130 1.25 17.47 6.89
CA PRO A 130 0.85 18.88 7.03
C PRO A 130 1.33 19.57 8.31
N ILE A 131 1.69 20.84 8.15
CA ILE A 131 2.08 21.70 9.24
C ILE A 131 0.81 22.36 9.73
N ASP A 132 0.31 21.96 10.90
CA ASP A 132 -1.05 22.34 11.28
C ASP A 132 -1.08 23.75 11.89
N ASP A 133 0.04 24.17 12.45
CA ASP A 133 0.14 25.45 13.14
C ASP A 133 0.28 26.68 12.24
N ASP A 134 0.64 26.47 10.96
CA ASP A 134 1.15 27.57 10.12
C ASP A 134 0.86 27.33 8.60
N PRO A 135 -0.25 27.89 8.11
CA PRO A 135 -0.74 27.65 6.77
C PRO A 135 0.24 28.11 5.72
N LYS A 136 0.89 29.22 6.05
CA LYS A 136 1.94 29.73 5.21
C LYS A 136 3.01 28.66 4.99
N LEU A 137 3.57 28.13 6.07
CA LEU A 137 4.69 27.20 5.86
C LEU A 137 4.18 25.93 5.24
N ASP A 138 2.96 25.51 5.61
CA ASP A 138 2.42 24.28 5.05
C ASP A 138 2.30 24.38 3.50
N THR A 139 1.78 25.52 3.01
CA THR A 139 1.72 25.81 1.57
C THR A 139 3.10 25.80 0.94
N LEU A 140 4.10 26.31 1.66
CA LEU A 140 5.44 26.42 1.09
C LEU A 140 6.01 25.03 0.90
N ALA A 141 5.76 24.19 1.91
CA ALA A 141 6.21 22.80 1.86
C ALA A 141 5.56 22.13 0.63
N LYS A 142 4.25 22.29 0.52
CA LYS A 142 3.52 21.58 -0.53
C LYS A 142 3.91 22.12 -1.92
N PHE A 143 4.24 23.40 -1.97
CA PHE A 143 4.66 24.01 -3.23
C PHE A 143 6.01 23.46 -3.65
N THR A 144 6.90 23.26 -2.68
CA THR A 144 8.23 22.69 -2.95
C THR A 144 8.13 21.28 -3.55
N ILE A 145 7.28 20.43 -2.96
CA ILE A 145 7.01 19.09 -3.53
C ILE A 145 6.52 19.17 -4.98
N ALA A 146 5.54 20.04 -5.23
CA ALA A 146 5.01 20.21 -6.57
C ALA A 146 6.10 20.71 -7.54
N VAL A 147 6.93 21.65 -7.09
CA VAL A 147 8.02 22.17 -7.94
C VAL A 147 8.92 21.02 -8.40
N ILE A 148 9.36 20.22 -7.45
CA ILE A 148 10.26 19.10 -7.73
C ILE A 148 9.65 18.07 -8.71
N ASN A 149 8.41 17.62 -8.43
CA ASN A 149 7.81 16.51 -9.16
C ASN A 149 7.44 16.92 -10.56
N THR A 150 6.98 18.17 -10.71
CA THR A 150 6.69 18.72 -12.00
C THR A 150 7.85 19.44 -12.70
N LYS A 151 9.04 19.42 -12.13
CA LYS A 151 10.16 20.16 -12.74
C LYS A 151 9.74 21.61 -13.03
N GLY A 152 8.98 22.18 -12.11
CA GLY A 152 8.54 23.56 -12.18
C GLY A 152 7.22 23.83 -12.84
N ARG A 153 6.71 22.90 -13.64
CA ARG A 153 5.39 23.08 -14.23
C ARG A 153 4.30 22.82 -13.20
N VAL A 154 4.26 23.63 -12.14
CA VAL A 154 3.37 23.35 -11.05
C VAL A 154 1.91 23.49 -11.44
N GLY A 155 1.62 24.42 -12.32
CA GLY A 155 0.26 24.55 -12.82
C GLY A 155 -0.44 25.72 -12.19
N ASP A 156 -1.55 26.12 -12.79
CA ASP A 156 -2.21 27.35 -12.37
C ASP A 156 -2.68 27.33 -10.92
N GLU A 157 -3.20 26.19 -10.47
CA GLU A 157 -3.86 26.16 -9.16
C GLU A 157 -2.85 26.17 -8.01
N ALA A 158 -1.84 25.32 -8.11
CA ALA A 158 -0.75 25.31 -7.15
C ALA A 158 -0.10 26.71 -7.06
N PHE A 159 0.07 27.41 -8.18
CA PHE A 159 0.73 28.73 -8.13
C PHE A 159 -0.16 29.72 -7.42
N ALA A 160 -1.44 29.69 -7.74
CA ALA A 160 -2.40 30.60 -7.13
C ALA A 160 -2.56 30.41 -5.61
N ASP A 161 -2.42 29.17 -5.14
CA ASP A 161 -2.48 28.85 -3.71
C ASP A 161 -1.21 29.32 -3.00
N PHE A 162 -0.08 29.20 -3.69
CA PHE A 162 1.19 29.77 -3.22
C PHE A 162 1.03 31.25 -2.96
N LEU A 163 0.46 32.00 -3.91
CA LEU A 163 0.30 33.46 -3.73
C LEU A 163 -0.74 33.82 -2.70
N GLU A 164 -1.82 33.03 -2.59
CA GLU A 164 -2.94 33.41 -1.72
C GLU A 164 -2.54 33.51 -0.25
N VAL A 165 -1.58 32.69 0.14
CA VAL A 165 -1.18 32.65 1.52
C VAL A 165 -0.16 33.77 1.77
N GLY A 166 0.23 34.48 0.72
CA GLY A 166 1.06 35.66 0.86
C GLY A 166 2.46 35.56 0.30
N TYR A 167 2.77 34.49 -0.41
CA TYR A 167 4.08 34.44 -1.04
C TYR A 167 3.98 35.23 -2.37
N THR A 168 5.11 35.48 -3.02
CA THR A 168 5.13 36.28 -4.23
C THR A 168 5.86 35.52 -5.31
N PRO A 169 5.79 36.03 -6.55
CA PRO A 169 6.59 35.48 -7.64
C PRO A 169 8.10 35.45 -7.31
N GLU A 170 8.60 36.47 -6.62
CA GLU A 170 10.00 36.41 -6.15
C GLU A 170 10.27 35.20 -5.25
N ASN A 171 9.36 34.96 -4.28
CA ASN A 171 9.49 33.78 -3.40
C ASN A 171 9.45 32.51 -4.23
N ALA A 172 8.57 32.49 -5.22
CA ALA A 172 8.54 31.30 -6.09
C ALA A 172 9.89 30.99 -6.67
N LEU A 173 10.59 32.00 -7.18
CA LEU A 173 11.88 31.73 -7.81
C LEU A 173 12.94 31.40 -6.75
N ASP A 174 12.81 32.00 -5.57
CA ASP A 174 13.68 31.57 -4.46
C ASP A 174 13.46 30.12 -3.95
N VAL A 175 12.25 29.62 -4.12
CA VAL A 175 12.04 28.17 -3.91
C VAL A 175 12.78 27.33 -4.98
N VAL A 176 12.66 27.74 -6.25
CA VAL A 176 13.43 27.09 -7.31
C VAL A 176 14.92 27.09 -6.99
N LEU A 177 15.39 28.22 -6.49
CA LEU A 177 16.79 28.36 -6.07
C LEU A 177 17.14 27.27 -5.04
N GLY A 178 16.28 27.09 -4.04
CA GLY A 178 16.52 26.09 -2.98
C GLY A 178 16.48 24.68 -3.52
N VAL A 179 15.51 24.46 -4.39
CA VAL A 179 15.39 23.16 -5.10
C VAL A 179 16.62 22.84 -5.94
N SER A 180 17.12 23.87 -6.64
CA SER A 180 18.38 23.73 -7.39
C SER A 180 19.56 23.33 -6.48
N LEU A 181 19.69 24.04 -5.36
CA LEU A 181 20.73 23.70 -4.37
C LEU A 181 20.52 22.31 -3.83
N ALA A 182 19.27 22.01 -3.50
CA ALA A 182 18.99 20.65 -3.01
C ALA A 182 19.38 19.59 -4.04
N SER A 183 19.16 19.86 -5.33
CA SER A 183 19.56 18.81 -6.28
C SER A 183 21.08 18.52 -6.26
N LEU A 184 21.91 19.56 -6.09
CA LEU A 184 23.34 19.28 -6.09
C LEU A 184 23.68 18.34 -4.92
N CYS A 185 23.29 18.70 -3.71
CA CYS A 185 23.69 17.85 -2.61
C CYS A 185 22.89 16.53 -2.49
N ASN A 186 21.56 16.57 -2.71
CA ASN A 186 20.78 15.30 -2.65
C ASN A 186 21.26 14.30 -3.75
N TYR A 187 21.45 14.75 -4.99
CA TYR A 187 21.81 13.79 -6.07
C TYR A 187 23.21 13.29 -5.89
N ALA A 188 24.10 14.17 -5.42
CA ALA A 188 25.45 13.74 -5.14
C ALA A 188 25.48 12.69 -4.05
N ASN A 189 24.86 12.97 -2.92
CA ASN A 189 24.74 11.98 -1.85
C ASN A 189 23.99 10.71 -2.31
N ASN A 190 22.94 10.87 -3.09
CA ASN A 190 22.23 9.69 -3.64
C ASN A 190 23.18 8.86 -4.50
N MSE A 191 23.99 9.52 -5.32
CA MSE A 191 24.95 8.82 -6.18
C MSE A 191 26.00 8.09 -5.34
O MSE A 191 26.35 6.94 -5.61
CB MSE A 191 25.62 9.82 -7.15
CG MSE A 191 26.40 9.14 -8.23
SE MSE A 191 27.32 10.38 -9.42
CE MSE A 191 25.85 11.09 -10.40
N ALA A 192 26.53 8.75 -4.31
CA ALA A 192 27.63 8.15 -3.56
C ALA A 192 27.14 7.19 -2.49
N ASP A 193 25.84 7.23 -2.20
CA ASP A 193 25.32 6.65 -0.97
C ASP A 193 26.18 7.09 0.21
N THR A 194 26.25 8.38 0.41
CA THR A 194 27.18 8.94 1.37
C THR A 194 26.95 8.43 2.80
N PRO A 195 27.99 7.89 3.47
CA PRO A 195 27.83 7.48 4.86
C PRO A 195 27.56 8.68 5.71
N ILE A 196 26.71 8.46 6.70
CA ILE A 196 26.22 9.48 7.62
C ILE A 196 27.20 9.55 8.78
N ASN A 197 27.77 10.73 9.02
CA ASN A 197 28.71 10.87 10.13
C ASN A 197 28.08 10.45 11.42
N PRO A 198 28.89 9.86 12.32
CA PRO A 198 28.40 9.53 13.67
C PRO A 198 27.68 10.71 14.33
N GLU A 199 28.14 11.94 14.11
CA GLU A 199 27.54 13.11 14.75
C GLU A 199 26.21 13.51 14.15
N LEU A 200 25.79 12.84 13.07
CA LEU A 200 24.46 13.09 12.49
C LEU A 200 23.50 11.91 12.65
N GLN A 201 24.03 10.78 13.12
CA GLN A 201 23.30 9.52 13.14
C GLN A 201 21.98 9.59 13.93
N GLN A 202 21.90 10.45 14.94
CA GLN A 202 20.70 10.55 15.75
C GLN A 202 19.55 11.30 15.06
N TYR A 203 19.86 11.94 13.95
CA TYR A 203 18.88 12.76 13.25
C TYR A 203 18.38 12.02 12.04
N VAL A 204 18.85 10.80 11.85
CA VAL A 204 18.46 10.05 10.66
C VAL A 204 16.96 9.78 10.68
N LYS A 205 16.35 9.89 9.51
CA LYS A 205 14.93 9.67 9.39
C LYS A 205 14.60 8.23 9.60
N GLY A 206 13.35 8.06 9.98
CA GLY A 206 13.07 7.30 11.13
C GLY A 206 12.54 8.34 12.11
N MSE B 23 -3.19 35.36 -18.34
CA MSE B 23 -2.09 36.26 -17.95
C MSE B 23 -0.87 35.49 -17.44
O MSE B 23 -1.01 34.44 -16.80
CB MSE B 23 -2.57 37.27 -16.90
CG MSE B 23 -1.45 38.17 -16.34
SE MSE B 23 -2.10 39.44 -15.00
CE MSE B 23 -2.80 38.18 -13.69
N SER B 24 0.31 36.03 -17.72
CA SER B 24 1.57 35.43 -17.27
C SER B 24 1.69 35.48 -15.77
N LYS B 25 2.40 34.52 -15.22
CA LYS B 25 2.62 34.48 -13.78
C LYS B 25 3.72 35.48 -13.37
N PHE B 26 4.63 35.79 -14.30
CA PHE B 26 5.80 36.59 -13.98
C PHE B 26 5.98 37.79 -14.90
N THR B 27 6.52 38.87 -14.37
CA THR B 27 6.93 39.99 -15.20
C THR B 27 8.28 39.66 -15.77
N ILE B 28 8.48 39.96 -17.04
CA ILE B 28 9.80 39.81 -17.61
C ILE B 28 10.47 41.19 -17.44
N HIS B 29 11.51 41.31 -16.59
CA HIS B 29 12.00 42.67 -16.31
C HIS B 29 12.83 43.33 -17.42
N THR B 30 12.70 44.65 -17.55
CA THR B 30 13.66 45.43 -18.30
C THR B 30 14.61 46.11 -17.32
N ILE B 31 15.65 46.74 -17.84
CA ILE B 31 16.50 47.50 -16.97
C ILE B 31 15.67 48.47 -16.11
N GLU B 32 14.73 49.16 -16.73
N GLU B 32 14.74 49.16 -16.75
CA GLU B 32 13.99 50.20 -16.02
CA GLU B 32 13.95 50.20 -16.09
C GLU B 32 13.02 49.67 -14.95
C GLU B 32 13.09 49.64 -14.94
N THR B 33 12.51 48.46 -15.12
CA THR B 33 11.56 47.93 -14.13
C THR B 33 12.21 47.03 -13.10
N ALA B 34 13.46 46.64 -13.32
CA ALA B 34 14.06 45.65 -12.43
C ALA B 34 14.37 46.23 -11.08
N PRO B 35 14.60 45.35 -10.11
CA PRO B 35 15.07 45.80 -8.80
C PRO B 35 16.43 46.49 -8.98
N GLU B 36 16.58 47.60 -8.25
CA GLU B 36 17.76 48.43 -8.35
C GLU B 36 19.05 47.63 -8.33
N ARG B 37 19.15 46.66 -7.43
CA ARG B 37 20.44 45.97 -7.26
C ARG B 37 20.75 44.97 -8.37
N VAL B 38 19.84 44.74 -9.32
CA VAL B 38 20.20 43.91 -10.48
C VAL B 38 20.24 44.68 -11.79
N LYS B 39 19.93 45.96 -11.77
CA LYS B 39 19.97 46.78 -12.98
C LYS B 39 21.31 46.66 -13.70
N GLU B 40 22.40 46.65 -12.95
CA GLU B 40 23.71 46.67 -13.60
C GLU B 40 23.96 45.32 -14.28
N THR B 41 23.50 44.25 -13.63
N THR B 41 23.51 44.23 -13.66
CA THR B 41 23.64 42.89 -14.18
CA THR B 41 23.68 42.92 -14.28
C THR B 41 22.92 42.85 -15.54
C THR B 41 22.90 42.84 -15.59
N LEU B 42 21.70 43.40 -15.61
CA LEU B 42 20.94 43.46 -16.86
C LEU B 42 21.67 44.28 -17.93
N ARG B 43 22.29 45.40 -17.53
CA ARG B 43 23.06 46.21 -18.48
C ARG B 43 24.20 45.37 -19.06
N THR B 44 24.94 44.70 -18.20
CA THR B 44 26.02 43.83 -18.64
C THR B 44 25.48 42.71 -19.54
N VAL B 45 24.36 42.09 -19.15
CA VAL B 45 23.81 41.03 -20.00
C VAL B 45 23.45 41.56 -21.41
N LYS B 46 22.82 42.74 -21.45
CA LYS B 46 22.35 43.29 -22.71
C LYS B 46 23.53 43.51 -23.67
N LYS B 47 24.63 44.04 -23.14
CA LYS B 47 25.84 44.32 -23.92
C LYS B 47 26.46 43.03 -24.39
N ASP B 48 26.56 42.06 -23.50
CA ASP B 48 27.19 40.80 -23.86
C ASP B 48 26.43 40.13 -25.02
N ASN B 49 25.12 40.38 -25.12
CA ASN B 49 24.30 39.75 -26.18
C ASN B 49 24.07 40.68 -27.37
N GLY B 50 24.82 41.79 -27.44
CA GLY B 50 24.65 42.73 -28.54
C GLY B 50 23.39 43.59 -28.58
N GLY B 51 22.73 43.81 -27.46
CA GLY B 51 21.59 44.73 -27.48
C GLY B 51 20.24 44.10 -27.09
N TYR B 52 20.24 42.88 -26.55
CA TYR B 52 19.02 42.29 -25.99
C TYR B 52 19.33 41.47 -24.75
N ILE B 53 18.31 41.30 -23.93
CA ILE B 53 18.37 40.50 -22.72
C ILE B 53 17.60 39.17 -22.87
N PRO B 54 18.29 38.02 -22.82
CA PRO B 54 17.48 36.78 -22.93
C PRO B 54 16.41 36.71 -21.81
N ASN B 55 15.21 36.28 -22.18
CA ASN B 55 14.07 36.33 -21.26
C ASN B 55 14.26 35.58 -19.97
N LEU B 56 15.08 34.54 -19.95
N LEU B 56 15.14 34.58 -20.00
CA LEU B 56 15.42 33.91 -18.68
CA LEU B 56 15.59 33.84 -18.82
C LEU B 56 15.94 35.00 -17.73
C LEU B 56 16.27 34.73 -17.78
N ILE B 57 16.83 35.85 -18.22
CA ILE B 57 17.46 36.84 -17.32
C ILE B 57 16.40 37.83 -16.86
N GLY B 58 15.51 38.25 -17.75
CA GLY B 58 14.49 39.19 -17.36
C GLY B 58 13.51 38.55 -16.36
N LEU B 59 13.34 37.21 -16.43
CA LEU B 59 12.51 36.46 -15.47
C LEU B 59 13.21 36.35 -14.10
N LEU B 60 14.45 35.90 -14.13
CA LEU B 60 15.19 35.72 -12.90
C LEU B 60 15.38 37.03 -12.15
N ALA B 61 15.43 38.16 -12.87
CA ALA B 61 15.51 39.45 -12.21
C ALA B 61 14.49 39.61 -11.09
N ASN B 62 13.36 38.89 -11.14
CA ASN B 62 12.34 39.03 -10.09
C ASN B 62 12.84 38.61 -8.73
N ALA B 63 13.81 37.71 -8.72
CA ALA B 63 14.40 37.28 -7.49
C ALA B 63 15.90 37.43 -7.62
N PRO B 64 16.45 38.60 -7.23
CA PRO B 64 17.88 38.87 -7.41
C PRO B 64 18.81 37.73 -7.04
N THR B 65 18.55 37.01 -5.96
CA THR B 65 19.43 35.90 -5.58
C THR B 65 19.35 34.75 -6.55
N ALA B 66 18.20 34.57 -7.21
CA ALA B 66 18.12 33.47 -8.18
C ALA B 66 18.89 33.83 -9.45
N LEU B 67 18.74 35.07 -9.90
CA LEU B 67 19.54 35.57 -11.02
C LEU B 67 21.02 35.50 -10.70
N GLU B 68 21.39 35.91 -9.49
CA GLU B 68 22.79 35.93 -9.12
C GLU B 68 23.37 34.51 -9.06
N THR B 69 22.60 33.55 -8.52
CA THR B 69 23.00 32.14 -8.52
C THR B 69 23.21 31.61 -9.96
N TYR B 70 22.27 31.93 -10.83
CA TYR B 70 22.34 31.47 -12.23
C TYR B 70 23.65 31.96 -12.91
N ARG B 71 23.96 33.24 -12.76
CA ARG B 71 25.24 33.78 -13.28
C ARG B 71 26.48 33.25 -12.61
N THR B 72 26.45 33.20 -11.28
CA THR B 72 27.59 32.71 -10.52
C THR B 72 27.87 31.22 -10.79
N VAL B 73 26.85 30.37 -10.77
CA VAL B 73 27.07 28.97 -11.01
C VAL B 73 27.49 28.74 -12.47
N GLY B 74 26.85 29.43 -13.42
CA GLY B 74 27.34 29.40 -14.81
C GLY B 74 28.85 29.63 -14.89
N GLU B 75 29.34 30.66 -14.17
CA GLU B 75 30.78 30.98 -14.25
C GLU B 75 31.62 29.89 -13.59
N ILE B 76 31.12 29.29 -12.50
CA ILE B 76 31.86 28.17 -11.90
C ILE B 76 31.82 26.93 -12.80
N ASN B 77 30.66 26.62 -13.37
CA ASN B 77 30.52 25.44 -14.20
C ASN B 77 31.46 25.57 -15.41
N ARG B 78 31.57 26.77 -15.95
CA ARG B 78 32.44 26.91 -17.12
C ARG B 78 33.95 26.80 -16.80
N ARG B 79 34.30 26.51 -15.55
CA ARG B 79 35.70 26.14 -15.30
C ARG B 79 35.85 24.83 -14.58
N ASN B 80 34.86 23.94 -14.76
CA ASN B 80 34.90 22.64 -14.08
C ASN B 80 35.76 21.62 -14.80
N SER B 81 35.66 20.35 -14.42
CA SER B 81 36.55 19.33 -15.05
C SER B 81 36.12 18.78 -16.41
N LEU B 82 35.03 19.29 -16.98
CA LEU B 82 34.52 18.85 -18.30
C LEU B 82 35.00 19.85 -19.38
N THR B 83 35.01 19.45 -20.65
CA THR B 83 35.44 20.33 -21.74
C THR B 83 34.27 21.25 -22.05
N PRO B 84 34.51 22.31 -22.83
CA PRO B 84 33.35 23.12 -23.19
C PRO B 84 32.26 22.30 -23.96
N THR B 85 32.65 21.37 -24.84
CA THR B 85 31.67 20.56 -25.54
C THR B 85 30.86 19.70 -24.53
N GLU B 86 31.58 19.02 -23.65
CA GLU B 86 30.96 18.14 -22.66
C GLU B 86 29.98 18.92 -21.76
N ARG B 87 30.28 20.18 -21.44
CA ARG B 87 29.38 20.96 -20.58
C ARG B 87 28.07 21.24 -21.30
N GLU B 88 28.14 21.47 -22.61
CA GLU B 88 26.91 21.65 -23.40
C GLU B 88 26.17 20.34 -23.63
N VAL B 89 26.91 19.24 -23.79
CA VAL B 89 26.23 17.96 -23.81
C VAL B 89 25.33 17.87 -22.59
N VAL B 90 25.87 18.17 -21.40
CA VAL B 90 25.09 18.07 -20.17
C VAL B 90 23.93 19.08 -20.16
N GLN B 91 24.20 20.34 -20.49
CA GLN B 91 23.11 21.33 -20.46
C GLN B 91 21.98 21.01 -21.46
N ILE B 92 22.30 20.64 -22.69
CA ILE B 92 21.26 20.48 -23.68
C ILE B 92 20.47 19.22 -23.33
N THR B 93 21.18 18.17 -22.93
CA THR B 93 20.56 16.89 -22.61
C THR B 93 19.61 17.12 -21.45
N ALA B 94 20.06 17.92 -20.47
CA ALA B 94 19.21 18.21 -19.32
C ALA B 94 17.97 19.05 -19.71
N ALA B 95 18.16 20.06 -20.54
CA ALA B 95 17.02 20.89 -20.97
C ALA B 95 16.00 20.07 -21.79
N VAL B 96 16.46 19.15 -22.63
CA VAL B 96 15.55 18.21 -23.34
C VAL B 96 14.80 17.31 -22.37
N THR B 97 15.56 16.66 -21.49
CA THR B 97 14.97 15.78 -20.51
C THR B 97 14.01 16.51 -19.57
N ASN B 98 14.30 17.77 -19.21
CA ASN B 98 13.43 18.50 -18.28
C ASN B 98 12.30 19.20 -19.01
N GLY B 99 12.26 19.03 -20.32
CA GLY B 99 11.23 19.60 -21.18
C GLY B 99 11.21 21.11 -21.26
N CYS B 100 12.37 21.75 -21.29
CA CYS B 100 12.40 23.20 -21.26
C CYS B 100 12.80 23.75 -22.59
N ALA B 101 11.85 24.38 -23.29
CA ALA B 101 12.02 24.82 -24.65
C ALA B 101 12.99 26.01 -24.71
N PHE B 102 12.86 26.95 -23.76
CA PHE B 102 13.75 28.11 -23.78
C PHE B 102 15.21 27.70 -23.71
N CYS B 103 15.51 26.79 -22.78
CA CYS B 103 16.91 26.41 -22.55
C CYS B 103 17.53 25.60 -23.69
N VAL B 104 16.71 24.81 -24.38
CA VAL B 104 17.20 24.11 -25.56
C VAL B 104 17.66 25.14 -26.61
N ALA B 105 16.83 26.14 -26.84
CA ALA B 105 17.15 27.18 -27.80
C ALA B 105 18.39 27.99 -27.33
N GLY B 106 18.45 28.30 -26.04
CA GLY B 106 19.52 29.12 -25.48
C GLY B 106 20.83 28.36 -25.59
N HIS B 107 20.84 27.09 -25.23
CA HIS B 107 22.09 26.33 -25.37
C HIS B 107 22.47 25.92 -26.81
N THR B 108 21.49 25.78 -27.69
CA THR B 108 21.78 25.53 -29.12
C THR B 108 22.52 26.78 -29.66
N ALA B 109 22.00 27.95 -29.33
CA ALA B 109 22.63 29.21 -29.72
C ALA B 109 24.09 29.23 -29.23
N PHE B 110 24.30 28.93 -27.95
CA PHE B 110 25.66 28.99 -27.40
C PHE B 110 26.58 27.98 -28.08
N SER B 111 26.07 26.77 -28.27
CA SER B 111 26.85 25.73 -28.92
C SER B 111 27.25 26.03 -30.37
N ILE B 112 26.38 26.70 -31.11
CA ILE B 112 26.68 27.02 -32.49
C ILE B 112 27.68 28.17 -32.49
N LYS B 113 27.35 29.25 -31.80
CA LYS B 113 28.22 30.41 -31.82
C LYS B 113 29.56 30.22 -31.13
N GLN B 114 29.54 29.79 -29.86
N GLN B 114 29.57 29.93 -29.83
CA GLN B 114 30.70 29.80 -28.97
CA GLN B 114 30.84 29.82 -29.13
C GLN B 114 31.55 28.52 -28.90
C GLN B 114 31.62 28.58 -29.54
N ILE B 115 31.02 27.41 -29.40
CA ILE B 115 31.78 26.15 -29.53
C ILE B 115 31.96 25.67 -30.97
N GLN B 116 31.14 26.20 -31.89
CA GLN B 116 31.05 25.69 -33.28
C GLN B 116 30.80 24.20 -33.30
N MSE B 117 29.85 23.74 -32.51
CA MSE B 117 29.62 22.32 -32.42
C MSE B 117 29.28 21.74 -33.79
O MSE B 117 28.60 22.39 -34.59
CB MSE B 117 28.49 22.06 -31.44
CG MSE B 117 28.31 20.61 -31.08
SE MSE B 117 26.98 20.57 -29.71
CE MSE B 117 28.13 21.22 -28.18
N ALA B 118 29.78 20.55 -34.07
CA ALA B 118 29.41 19.82 -35.28
C ALA B 118 27.89 19.61 -35.31
N PRO B 119 27.29 19.71 -36.51
CA PRO B 119 25.84 19.53 -36.73
C PRO B 119 25.26 18.19 -36.29
N ASP B 120 25.95 17.09 -36.57
CA ASP B 120 25.45 15.78 -36.14
C ASP B 120 25.37 15.67 -34.61
N LEU B 121 26.35 16.25 -33.94
CA LEU B 121 26.40 16.20 -32.49
C LEU B 121 25.24 17.03 -31.99
N LEU B 122 25.12 18.25 -32.49
CA LEU B 122 24.08 19.16 -32.02
C LEU B 122 22.68 18.59 -32.25
N GLU B 123 22.46 18.00 -33.43
CA GLU B 123 21.15 17.40 -33.73
C GLU B 123 20.84 16.24 -32.79
N ALA B 124 21.82 15.39 -32.54
CA ALA B 124 21.59 14.31 -31.60
C ALA B 124 21.30 14.81 -30.15
N LEU B 125 22.06 15.79 -29.65
CA LEU B 125 21.75 16.34 -28.33
C LEU B 125 20.32 16.86 -28.22
N ARG B 126 19.92 17.70 -29.18
CA ARG B 126 18.61 18.34 -29.20
C ARG B 126 17.43 17.35 -29.24
N ASN B 127 17.67 16.13 -29.70
CA ASN B 127 16.63 15.09 -29.68
C ASN B 127 16.91 13.94 -28.69
N ALA B 128 18.00 14.02 -27.96
CA ALA B 128 18.38 12.91 -27.08
C ALA B 128 18.49 11.59 -27.84
N THR B 129 18.89 11.67 -29.10
CA THR B 129 19.17 10.48 -29.89
C THR B 129 20.64 10.12 -29.75
N PRO B 130 21.03 8.87 -30.09
CA PRO B 130 22.43 8.52 -29.81
C PRO B 130 23.42 9.35 -30.63
N ILE B 131 24.61 9.50 -30.06
CA ILE B 131 25.74 10.12 -30.72
C ILE B 131 26.62 9.02 -31.28
N ASP B 132 26.52 8.80 -32.59
CA ASP B 132 27.13 7.63 -33.24
C ASP B 132 28.64 7.75 -33.44
N ASP B 133 29.12 8.97 -33.64
CA ASP B 133 30.53 9.18 -33.92
C ASP B 133 31.40 9.21 -32.66
N ASP B 134 30.77 9.21 -31.49
CA ASP B 134 31.51 9.55 -30.27
C ASP B 134 30.95 8.85 -29.04
N PRO B 135 31.43 7.64 -28.78
CA PRO B 135 31.05 6.78 -27.66
C PRO B 135 31.18 7.50 -26.30
N LYS B 136 32.21 8.34 -26.19
CA LYS B 136 32.50 9.04 -24.94
C LYS B 136 31.41 10.06 -24.65
N LEU B 137 31.08 10.90 -25.63
CA LEU B 137 29.98 11.83 -25.44
C LEU B 137 28.61 11.13 -25.34
N ASP B 138 28.44 10.02 -26.04
CA ASP B 138 27.16 9.28 -25.97
C ASP B 138 26.91 8.79 -24.54
N THR B 139 27.93 8.23 -23.91
CA THR B 139 27.84 7.83 -22.51
C THR B 139 27.60 9.03 -21.58
N LEU B 140 28.30 10.15 -21.81
CA LEU B 140 28.07 11.34 -21.00
C LEU B 140 26.60 11.76 -21.08
N ALA B 141 26.09 11.79 -22.30
CA ALA B 141 24.70 12.16 -22.54
C ALA B 141 23.78 11.18 -21.78
N LYS B 142 24.00 9.87 -21.96
CA LYS B 142 23.21 8.87 -21.22
C LYS B 142 23.33 9.01 -19.69
N PHE B 143 24.54 9.18 -19.19
CA PHE B 143 24.77 9.41 -17.75
C PHE B 143 23.93 10.58 -17.22
N THR B 144 23.85 11.65 -18.01
CA THR B 144 23.15 12.83 -17.54
C THR B 144 21.66 12.48 -17.35
N ILE B 145 21.08 11.85 -18.36
CA ILE B 145 19.68 11.40 -18.31
C ILE B 145 19.43 10.49 -17.09
N ALA B 146 20.30 9.51 -16.87
CA ALA B 146 20.18 8.67 -15.69
C ALA B 146 20.19 9.47 -14.37
N VAL B 147 21.11 10.44 -14.23
CA VAL B 147 21.17 11.29 -13.04
C VAL B 147 19.84 11.95 -12.82
N ILE B 148 19.27 12.50 -13.88
CA ILE B 148 18.05 13.26 -13.73
C ILE B 148 16.85 12.35 -13.45
N ASN B 149 16.81 11.21 -14.13
CA ASN B 149 15.64 10.32 -13.96
C ASN B 149 15.74 9.50 -12.68
N THR B 150 16.94 9.38 -12.11
CA THR B 150 17.06 8.65 -10.85
C THR B 150 17.49 9.51 -9.63
N LYS B 151 17.36 10.83 -9.72
CA LYS B 151 17.92 11.74 -8.69
C LYS B 151 19.31 11.33 -8.23
N GLY B 152 20.12 10.84 -9.16
CA GLY B 152 21.49 10.50 -8.83
C GLY B 152 21.82 9.06 -8.61
N ARG B 153 20.81 8.23 -8.38
CA ARG B 153 21.03 6.79 -8.22
C ARG B 153 21.18 6.10 -9.55
N VAL B 154 22.33 6.23 -10.20
CA VAL B 154 22.46 5.85 -11.61
C VAL B 154 22.78 4.37 -11.70
N GLY B 155 23.13 3.77 -10.58
CA GLY B 155 23.41 2.35 -10.56
C GLY B 155 24.85 2.00 -10.86
N ASP B 156 25.28 0.83 -10.41
CA ASP B 156 26.65 0.35 -10.57
C ASP B 156 27.10 0.26 -12.01
N GLU B 157 26.21 -0.23 -12.87
CA GLU B 157 26.57 -0.49 -14.25
C GLU B 157 26.66 0.80 -15.06
N ALA B 158 25.77 1.74 -14.80
CA ALA B 158 25.82 3.03 -15.50
C ALA B 158 27.05 3.81 -15.04
N PHE B 159 27.43 3.63 -13.77
CA PHE B 159 28.58 4.35 -13.23
C PHE B 159 29.88 3.80 -13.76
N ALA B 160 29.97 2.47 -13.86
CA ALA B 160 31.12 1.83 -14.47
C ALA B 160 31.30 2.14 -15.97
N ASP B 161 30.20 2.21 -16.70
CA ASP B 161 30.30 2.56 -18.13
C ASP B 161 30.82 3.98 -18.25
N PHE B 162 30.50 4.80 -17.26
CA PHE B 162 30.92 6.18 -17.25
C PHE B 162 32.44 6.23 -17.04
N LEU B 163 32.97 5.47 -16.08
CA LEU B 163 34.44 5.43 -15.90
C LEU B 163 35.20 4.78 -17.08
N GLU B 164 34.64 3.70 -17.60
CA GLU B 164 35.36 2.90 -18.60
C GLU B 164 35.55 3.68 -19.89
N VAL B 165 34.71 4.69 -20.08
CA VAL B 165 34.79 5.53 -21.26
C VAL B 165 35.86 6.63 -21.09
N GLY B 166 36.36 6.77 -19.86
CA GLY B 166 37.43 7.71 -19.61
C GLY B 166 37.12 8.80 -18.60
N TYR B 167 35.86 8.95 -18.22
CA TYR B 167 35.51 9.90 -17.18
C TYR B 167 35.93 9.44 -15.79
N THR B 168 35.95 10.36 -14.84
CA THR B 168 36.42 10.08 -13.48
C THR B 168 35.33 10.33 -12.49
N PRO B 169 35.55 9.95 -11.22
CA PRO B 169 34.54 10.26 -10.21
C PRO B 169 34.31 11.78 -10.10
N GLU B 170 35.38 12.54 -10.24
CA GLU B 170 35.32 14.00 -10.30
C GLU B 170 34.37 14.52 -11.40
N ASN B 171 34.56 13.99 -12.61
CA ASN B 171 33.69 14.37 -13.73
C ASN B 171 32.22 14.09 -13.39
N ALA B 172 32.00 13.00 -12.65
CA ALA B 172 30.62 12.61 -12.32
C ALA B 172 29.97 13.66 -11.43
N LEU B 173 30.73 14.20 -10.48
CA LEU B 173 30.16 15.22 -9.62
C LEU B 173 30.01 16.51 -10.40
N ASP B 174 30.93 16.77 -11.36
CA ASP B 174 30.78 17.95 -12.23
C ASP B 174 29.57 17.82 -13.21
N VAL B 175 29.20 16.60 -13.62
CA VAL B 175 27.86 16.44 -14.27
C VAL B 175 26.69 16.81 -13.32
N VAL B 176 26.75 16.34 -12.07
CA VAL B 176 25.69 16.68 -11.09
C VAL B 176 25.59 18.21 -10.94
N LEU B 177 26.77 18.83 -10.93
CA LEU B 177 26.84 20.29 -10.91
C LEU B 177 26.04 20.89 -12.08
N GLY B 178 26.29 20.38 -13.30
CA GLY B 178 25.58 20.87 -14.47
C GLY B 178 24.06 20.64 -14.37
N VAL B 179 23.69 19.46 -13.88
CA VAL B 179 22.26 19.13 -13.65
C VAL B 179 21.60 20.09 -12.67
N SER B 180 22.32 20.38 -11.59
CA SER B 180 21.80 21.30 -10.60
C SER B 180 21.60 22.71 -11.19
N LEU B 181 22.59 23.20 -11.96
CA LEU B 181 22.42 24.49 -12.64
C LEU B 181 21.27 24.44 -13.68
N ALA B 182 21.19 23.35 -14.42
CA ALA B 182 20.06 23.17 -15.35
C ALA B 182 18.69 23.19 -14.62
N SER B 183 18.63 22.62 -13.43
CA SER B 183 17.36 22.64 -12.73
C SER B 183 16.93 24.04 -12.34
N LEU B 184 17.89 24.91 -12.04
CA LEU B 184 17.51 26.27 -11.73
C LEU B 184 16.91 26.92 -12.95
N CYS B 185 17.60 26.86 -14.07
CA CYS B 185 17.04 27.61 -15.18
C CYS B 185 15.91 26.87 -15.86
N ASN B 186 16.06 25.56 -16.04
CA ASN B 186 14.94 24.77 -16.62
C ASN B 186 13.65 24.87 -15.79
N TYR B 187 13.74 24.75 -14.44
CA TYR B 187 12.50 24.74 -13.64
C TYR B 187 11.89 26.12 -13.63
N ALA B 188 12.72 27.16 -13.54
CA ALA B 188 12.19 28.52 -13.55
C ALA B 188 11.48 28.78 -14.88
N ASN B 189 12.16 28.51 -15.98
CA ASN B 189 11.55 28.73 -17.30
C ASN B 189 10.27 27.85 -17.45
N ASN B 190 10.32 26.58 -17.02
CA ASN B 190 9.10 25.74 -17.06
C ASN B 190 7.93 26.39 -16.32
N MSE B 191 8.18 26.95 -15.15
CA MSE B 191 7.11 27.51 -14.33
C MSE B 191 6.54 28.74 -14.97
O MSE B 191 5.35 28.96 -14.92
CB MSE B 191 7.67 27.90 -12.96
CG MSE B 191 6.65 28.48 -11.96
SE MSE B 191 7.58 28.85 -10.20
CE MSE B 191 8.16 27.09 -9.69
N ALA B 192 7.41 29.59 -15.53
CA ALA B 192 6.95 30.83 -16.14
C ALA B 192 6.40 30.65 -17.54
N ASP B 193 6.69 29.50 -18.16
CA ASP B 193 6.60 29.35 -19.64
C ASP B 193 7.19 30.55 -20.41
N THR B 194 8.46 30.88 -20.11
CA THR B 194 9.13 32.08 -20.60
C THR B 194 8.97 32.21 -22.11
N PRO B 195 8.46 33.34 -22.59
CA PRO B 195 8.49 33.61 -24.04
C PRO B 195 9.92 33.55 -24.59
N ILE B 196 10.08 32.93 -25.73
CA ILE B 196 11.40 32.87 -26.37
C ILE B 196 11.70 34.16 -27.16
N ASN B 197 12.80 34.87 -26.84
CA ASN B 197 13.15 36.09 -27.61
C ASN B 197 13.15 35.85 -29.15
N PRO B 198 12.66 36.83 -29.91
CA PRO B 198 12.85 36.72 -31.37
C PRO B 198 14.27 36.33 -31.74
N GLU B 199 15.23 36.87 -31.01
CA GLU B 199 16.63 36.67 -31.33
C GLU B 199 17.08 35.24 -31.10
N LEU B 200 16.28 34.45 -30.37
CA LEU B 200 16.57 33.02 -30.15
C LEU B 200 15.69 32.06 -30.97
N GLN B 201 14.64 32.58 -31.58
CA GLN B 201 13.67 31.75 -32.32
C GLN B 201 14.28 30.78 -33.34
N GLN B 202 15.31 31.23 -34.06
N GLN B 202 15.30 31.25 -34.05
CA GLN B 202 15.90 30.40 -35.11
CA GLN B 202 15.94 30.45 -35.10
C GLN B 202 16.41 29.08 -34.54
C GLN B 202 16.62 29.20 -34.56
N TYR B 203 16.65 29.06 -33.23
CA TYR B 203 17.27 27.90 -32.58
C TYR B 203 16.28 26.96 -31.87
N VAL B 204 14.99 27.27 -31.92
CA VAL B 204 14.04 26.46 -31.12
C VAL B 204 13.85 25.04 -31.66
N LYS B 205 13.02 24.29 -30.93
CA LYS B 205 12.56 22.96 -31.32
C LYS B 205 13.64 21.95 -30.99
N MSE C 23 14.84 -4.39 15.02
CA MSE C 23 14.95 -3.08 14.35
C MSE C 23 14.05 -3.01 13.10
O MSE C 23 13.66 -1.92 12.67
CB MSE C 23 16.41 -2.79 13.98
CG MSE C 23 17.39 -2.73 15.16
SE MSE C 23 17.00 -1.29 16.43
CE MSE C 23 18.77 -1.05 17.21
N SER C 24 13.74 -4.17 12.53
CA SER C 24 12.93 -4.24 11.33
C SER C 24 11.45 -4.06 11.66
N LYS C 25 10.70 -3.47 10.74
CA LYS C 25 9.31 -3.13 11.00
C LYS C 25 8.42 -4.36 10.82
N PHE C 26 8.66 -5.14 9.76
CA PHE C 26 7.82 -6.30 9.47
C PHE C 26 8.57 -7.60 9.56
N THR C 27 7.84 -8.64 9.94
CA THR C 27 8.28 -10.01 9.83
C THR C 27 8.15 -10.44 8.38
N ILE C 28 9.19 -11.10 7.87
CA ILE C 28 9.09 -11.67 6.53
C ILE C 28 8.64 -13.13 6.66
N HIS C 29 7.38 -13.37 6.35
CA HIS C 29 6.78 -14.67 6.69
C HIS C 29 7.24 -15.85 5.86
N THR C 30 7.33 -16.98 6.55
CA THR C 30 7.57 -18.25 5.91
C THR C 30 6.27 -19.01 5.98
N ILE C 31 6.16 -20.05 5.17
CA ILE C 31 4.94 -20.78 5.07
C ILE C 31 4.47 -21.25 6.47
N GLU C 32 5.41 -21.44 7.39
CA GLU C 32 5.03 -21.91 8.73
C GLU C 32 4.79 -20.79 9.74
N THR C 33 5.09 -19.55 9.39
CA THR C 33 4.84 -18.43 10.29
C THR C 33 3.61 -17.63 9.81
N ALA C 34 3.34 -17.73 8.52
CA ALA C 34 2.25 -17.00 7.86
C ALA C 34 0.91 -17.24 8.54
N PRO C 35 -0.04 -16.30 8.36
CA PRO C 35 -1.41 -16.61 8.80
C PRO C 35 -1.88 -17.88 8.12
N GLU C 36 -2.91 -18.52 8.65
CA GLU C 36 -3.36 -19.82 8.14
C GLU C 36 -3.99 -19.68 6.76
N ARG C 37 -4.75 -18.60 6.58
CA ARG C 37 -5.46 -18.32 5.33
C ARG C 37 -4.58 -18.08 4.08
N VAL C 38 -3.37 -17.55 4.24
CA VAL C 38 -2.48 -17.37 3.07
C VAL C 38 -1.44 -18.50 2.97
N LYS C 39 -1.53 -19.45 3.89
CA LYS C 39 -0.48 -20.46 4.05
C LYS C 39 -0.32 -21.37 2.83
N GLU C 40 -1.43 -21.79 2.22
CA GLU C 40 -1.36 -22.62 1.02
C GLU C 40 -0.98 -21.81 -0.22
N THR C 41 -1.32 -20.52 -0.23
CA THR C 41 -0.84 -19.60 -1.27
C THR C 41 0.67 -19.44 -1.19
N LEU C 42 1.21 -19.24 0.00
CA LEU C 42 2.66 -19.13 0.13
C LEU C 42 3.33 -20.39 -0.41
N ARG C 43 2.77 -21.55 -0.04
CA ARG C 43 3.29 -22.86 -0.44
C ARG C 43 3.37 -23.01 -1.96
N THR C 44 2.36 -22.49 -2.64
CA THR C 44 2.35 -22.43 -4.11
C THR C 44 3.44 -21.47 -4.64
N VAL C 45 3.48 -20.25 -4.11
CA VAL C 45 4.52 -19.32 -4.53
C VAL C 45 5.89 -19.97 -4.47
N LYS C 46 6.23 -20.56 -3.32
CA LYS C 46 7.57 -21.08 -3.09
C LYS C 46 7.96 -22.12 -4.12
N LYS C 47 6.97 -22.78 -4.71
CA LYS C 47 7.29 -23.81 -5.68
C LYS C 47 7.11 -23.35 -7.12
N ASP C 48 6.32 -22.30 -7.31
CA ASP C 48 6.30 -21.63 -8.61
C ASP C 48 7.66 -20.97 -8.86
N ASN C 49 8.40 -20.72 -7.79
CA ASN C 49 9.68 -20.01 -7.87
C ASN C 49 10.93 -20.86 -7.63
N GLY C 50 10.79 -22.18 -7.69
CA GLY C 50 11.93 -23.07 -7.60
C GLY C 50 12.47 -23.37 -6.21
N GLY C 51 11.74 -22.98 -5.16
CA GLY C 51 12.18 -23.29 -3.81
C GLY C 51 12.54 -22.07 -2.97
N TYR C 52 11.90 -20.94 -3.24
CA TYR C 52 12.00 -19.79 -2.36
C TYR C 52 10.79 -18.89 -2.52
N ILE C 53 10.53 -18.10 -1.48
CA ILE C 53 9.47 -17.10 -1.53
C ILE C 53 10.06 -15.71 -1.63
N PRO C 54 9.84 -15.04 -2.77
CA PRO C 54 10.36 -13.66 -2.87
C PRO C 54 9.96 -12.90 -1.61
N ASN C 55 10.86 -12.13 -0.99
CA ASN C 55 10.50 -11.56 0.31
C ASN C 55 9.33 -10.58 0.22
N LEU C 56 9.15 -9.98 -0.94
CA LEU C 56 7.96 -9.16 -1.18
C LEU C 56 6.72 -9.96 -0.80
N ILE C 57 6.71 -11.24 -1.18
CA ILE C 57 5.59 -12.15 -0.85
C ILE C 57 5.53 -12.48 0.63
N GLY C 58 6.67 -12.87 1.21
CA GLY C 58 6.72 -13.07 2.65
C GLY C 58 6.28 -11.82 3.40
N LEU C 59 6.57 -10.64 2.84
CA LEU C 59 6.15 -9.38 3.43
C LEU C 59 4.63 -9.19 3.38
N LEU C 60 4.05 -9.24 2.18
CA LEU C 60 2.61 -9.03 2.02
C LEU C 60 1.74 -10.03 2.79
N ALA C 61 2.30 -11.21 3.07
CA ALA C 61 1.66 -12.25 3.86
C ALA C 61 1.14 -11.68 5.17
N ASN C 62 1.82 -10.66 5.69
CA ASN C 62 1.39 -9.95 6.91
C ASN C 62 -0.02 -9.39 6.76
N ALA C 63 -0.39 -9.00 5.55
CA ALA C 63 -1.74 -8.52 5.25
C ALA C 63 -2.37 -9.34 4.14
N PRO C 64 -3.15 -10.37 4.50
CA PRO C 64 -3.68 -11.21 3.42
C PRO C 64 -4.44 -10.47 2.31
N THR C 65 -5.16 -9.40 2.63
CA THR C 65 -5.87 -8.64 1.60
C THR C 65 -4.92 -7.89 0.64
N ALA C 66 -3.73 -7.49 1.13
CA ALA C 66 -2.74 -6.86 0.27
C ALA C 66 -2.01 -7.90 -0.57
N LEU C 67 -1.71 -9.07 0.00
CA LEU C 67 -1.13 -10.15 -0.78
C LEU C 67 -2.14 -10.54 -1.88
N GLU C 68 -3.41 -10.57 -1.51
CA GLU C 68 -4.44 -11.00 -2.46
C GLU C 68 -4.53 -10.01 -3.62
N THR C 69 -4.50 -8.73 -3.29
CA THR C 69 -4.55 -7.71 -4.32
C THR C 69 -3.37 -7.81 -5.28
N TYR C 70 -2.18 -7.99 -4.73
CA TYR C 70 -0.98 -8.12 -5.54
C TYR C 70 -1.15 -9.20 -6.58
N ARG C 71 -1.47 -10.39 -6.11
CA ARG C 71 -1.64 -11.58 -6.96
C ARG C 71 -2.80 -11.49 -7.95
N THR C 72 -3.97 -11.08 -7.48
CA THR C 72 -5.10 -10.86 -8.36
C THR C 72 -4.88 -9.75 -9.40
N VAL C 73 -4.34 -8.61 -8.96
CA VAL C 73 -4.13 -7.49 -9.87
C VAL C 73 -3.04 -7.84 -10.86
N GLY C 74 -2.06 -8.62 -10.41
CA GLY C 74 -1.02 -9.09 -11.31
C GLY C 74 -1.69 -9.77 -12.49
N GLU C 75 -2.51 -10.78 -12.19
CA GLU C 75 -3.20 -11.58 -13.23
C GLU C 75 -4.08 -10.75 -14.15
N ILE C 76 -4.81 -9.79 -13.58
CA ILE C 76 -5.58 -8.89 -14.44
C ILE C 76 -4.64 -8.13 -15.39
N ASN C 77 -3.54 -7.63 -14.84
CA ASN C 77 -2.57 -6.83 -15.60
C ASN C 77 -1.97 -7.60 -16.78
N ARG C 78 -1.56 -8.85 -16.54
CA ARG C 78 -1.06 -9.68 -17.63
C ARG C 78 -2.15 -9.98 -18.68
N ARG C 79 -3.38 -9.54 -18.43
CA ARG C 79 -4.45 -9.69 -19.42
C ARG C 79 -4.75 -8.40 -20.17
N ASN C 80 -3.97 -7.35 -19.90
CA ASN C 80 -4.32 -6.03 -20.42
C ASN C 80 -3.93 -5.80 -21.88
N SER C 81 -4.21 -4.60 -22.38
CA SER C 81 -4.03 -4.28 -23.79
C SER C 81 -2.57 -4.03 -24.18
N LEU C 82 -1.66 -4.11 -23.22
CA LEU C 82 -0.24 -3.94 -23.51
C LEU C 82 0.40 -5.31 -23.78
N THR C 83 1.50 -5.34 -24.51
CA THR C 83 2.19 -6.62 -24.75
C THR C 83 2.95 -7.01 -23.48
N PRO C 84 3.51 -8.23 -23.44
CA PRO C 84 4.40 -8.58 -22.32
C PRO C 84 5.62 -7.64 -22.15
N THR C 85 6.27 -7.25 -23.25
CA THR C 85 7.44 -6.38 -23.17
C THR C 85 7.03 -5.03 -22.58
N GLU C 86 5.98 -4.46 -23.14
CA GLU C 86 5.40 -3.21 -22.67
C GLU C 86 4.95 -3.22 -21.18
N ARG C 87 4.49 -4.35 -20.66
CA ARG C 87 4.12 -4.35 -19.26
C ARG C 87 5.35 -4.25 -18.37
N GLU C 88 6.47 -4.78 -18.85
CA GLU C 88 7.71 -4.76 -18.10
C GLU C 88 8.32 -3.38 -18.25
N VAL C 89 8.17 -2.78 -19.42
CA VAL C 89 8.60 -1.40 -19.58
C VAL C 89 7.99 -0.59 -18.47
N VAL C 90 6.69 -0.78 -18.24
CA VAL C 90 6.00 -0.03 -17.21
C VAL C 90 6.45 -0.41 -15.81
N GLN C 91 6.43 -1.70 -15.50
CA GLN C 91 6.85 -2.14 -14.17
C GLN C 91 8.32 -1.74 -13.82
N ILE C 92 9.26 -1.85 -14.75
CA ILE C 92 10.66 -1.52 -14.45
C ILE C 92 10.88 0.01 -14.33
N THR C 93 10.26 0.76 -15.24
CA THR C 93 10.33 2.19 -15.16
C THR C 93 9.70 2.67 -13.86
N ALA C 94 8.60 2.06 -13.45
CA ALA C 94 7.96 2.49 -12.21
C ALA C 94 8.84 2.18 -11.01
N ALA C 95 9.47 1.00 -10.99
CA ALA C 95 10.38 0.63 -9.90
C ALA C 95 11.63 1.57 -9.75
N VAL C 96 12.21 1.94 -10.88
CA VAL C 96 13.34 2.88 -10.89
C VAL C 96 12.88 4.23 -10.38
N THR C 97 11.78 4.71 -10.94
CA THR C 97 11.22 6.00 -10.56
C THR C 97 10.78 6.05 -9.11
N ASN C 98 10.26 4.93 -8.55
CA ASN C 98 9.84 4.92 -7.15
C ASN C 98 10.99 4.54 -6.24
N GLY C 99 12.12 4.20 -6.84
CA GLY C 99 13.36 4.01 -6.10
C GLY C 99 13.26 2.74 -5.28
N CYS C 100 12.70 1.70 -5.87
CA CYS C 100 12.55 0.45 -5.14
C CYS C 100 13.49 -0.61 -5.70
N ALA C 101 14.60 -0.81 -5.00
CA ALA C 101 15.59 -1.78 -5.44
C ALA C 101 15.02 -3.21 -5.61
N PHE C 102 14.21 -3.68 -4.67
CA PHE C 102 13.73 -5.06 -4.75
C PHE C 102 12.99 -5.29 -6.07
N CYS C 103 12.09 -4.38 -6.41
CA CYS C 103 11.25 -4.61 -7.56
C CYS C 103 12.00 -4.43 -8.86
N VAL C 104 13.06 -3.59 -8.87
CA VAL C 104 13.96 -3.54 -10.05
C VAL C 104 14.62 -4.90 -10.26
N ALA C 105 15.15 -5.50 -9.18
CA ALA C 105 15.73 -6.84 -9.29
C ALA C 105 14.71 -7.87 -9.76
N GLY C 106 13.59 -7.96 -9.06
CA GLY C 106 12.54 -8.90 -9.41
C GLY C 106 12.09 -8.80 -10.85
N HIS C 107 11.76 -7.60 -11.31
CA HIS C 107 11.31 -7.44 -12.69
C HIS C 107 12.40 -7.68 -13.73
N THR C 108 13.65 -7.52 -13.32
CA THR C 108 14.79 -7.86 -14.18
C THR C 108 14.87 -9.37 -14.34
N ALA C 109 14.67 -10.07 -13.23
CA ALA C 109 14.63 -11.54 -13.23
C ALA C 109 13.54 -12.08 -14.16
N PHE C 110 12.32 -11.58 -14.00
CA PHE C 110 11.22 -11.92 -14.88
C PHE C 110 11.54 -11.63 -16.34
N SER C 111 12.11 -10.47 -16.60
CA SER C 111 12.38 -10.05 -17.96
C SER C 111 13.43 -10.89 -18.71
N ILE C 112 14.43 -11.38 -17.97
CA ILE C 112 15.49 -12.17 -18.58
C ILE C 112 15.03 -13.58 -18.89
N LYS C 113 14.22 -14.16 -18.00
CA LYS C 113 13.83 -15.57 -18.09
C LYS C 113 12.47 -15.83 -18.76
N GLN C 114 11.46 -15.02 -18.46
CA GLN C 114 10.14 -15.18 -19.06
C GLN C 114 9.96 -14.49 -20.43
N ILE C 115 10.70 -13.42 -20.67
CA ILE C 115 10.57 -12.67 -21.93
C ILE C 115 11.83 -12.75 -22.83
N GLN C 116 12.96 -13.09 -22.22
CA GLN C 116 14.26 -13.06 -22.90
C GLN C 116 14.55 -11.70 -23.55
N MSE C 117 14.33 -10.64 -22.79
CA MSE C 117 14.51 -9.29 -23.32
C MSE C 117 15.90 -9.06 -23.87
O MSE C 117 16.89 -9.56 -23.34
CB MSE C 117 14.23 -8.24 -22.23
CG MSE C 117 12.87 -7.54 -22.32
SE MSE C 117 12.93 -5.95 -21.14
CE MSE C 117 14.17 -6.70 -19.87
N ALA C 118 15.98 -8.31 -24.95
CA ALA C 118 17.24 -7.90 -25.51
C ALA C 118 17.99 -7.12 -24.41
N PRO C 119 19.30 -7.36 -24.26
CA PRO C 119 20.12 -6.76 -23.20
C PRO C 119 20.16 -5.22 -23.25
N ASP C 120 20.19 -4.65 -24.45
CA ASP C 120 20.17 -3.20 -24.59
C ASP C 120 18.86 -2.58 -24.08
N LEU C 121 17.76 -3.28 -24.30
CA LEU C 121 16.45 -2.82 -23.84
C LEU C 121 16.33 -2.88 -22.31
N LEU C 122 16.84 -3.97 -21.74
CA LEU C 122 16.75 -4.18 -20.30
C LEU C 122 17.60 -3.16 -19.57
N GLU C 123 18.73 -2.81 -20.17
CA GLU C 123 19.66 -1.85 -19.61
C GLU C 123 19.10 -0.42 -19.64
N ALA C 124 18.50 -0.04 -20.75
CA ALA C 124 17.86 1.26 -20.83
C ALA C 124 16.73 1.39 -19.81
N LEU C 125 15.91 0.33 -19.65
CA LEU C 125 14.79 0.38 -18.72
C LEU C 125 15.26 0.56 -17.27
N ARG C 126 16.20 -0.29 -16.86
CA ARG C 126 16.81 -0.21 -15.55
C ARG C 126 17.49 1.14 -15.25
N ASN C 127 18.06 1.79 -16.26
CA ASN C 127 18.78 3.05 -16.04
C ASN C 127 17.91 4.24 -16.34
N ALA C 128 16.71 4.01 -16.85
CA ALA C 128 15.79 5.09 -17.17
C ALA C 128 16.33 6.03 -18.25
N THR C 129 17.10 5.47 -19.17
CA THR C 129 17.66 6.21 -20.30
C THR C 129 17.01 5.74 -21.60
N PRO C 130 17.19 6.52 -22.68
CA PRO C 130 16.32 6.27 -23.84
C PRO C 130 16.48 4.90 -24.46
N ILE C 131 15.35 4.31 -24.86
CA ILE C 131 15.31 3.10 -25.65
C ILE C 131 15.58 3.47 -27.12
N ASP C 132 16.78 3.18 -27.62
CA ASP C 132 17.21 3.83 -28.86
C ASP C 132 16.63 3.25 -30.15
N ASP C 133 16.48 1.92 -30.21
CA ASP C 133 16.08 1.28 -31.45
C ASP C 133 14.57 1.24 -31.60
N ASP C 134 13.85 1.70 -30.58
CA ASP C 134 12.41 1.47 -30.56
C ASP C 134 11.65 2.67 -29.99
N PRO C 135 11.25 3.58 -30.87
CA PRO C 135 10.59 4.81 -30.43
C PRO C 135 9.35 4.51 -29.62
N LYS C 136 8.65 3.43 -29.95
CA LYS C 136 7.38 3.13 -29.30
C LYS C 136 7.58 2.79 -27.83
N LEU C 137 8.53 1.92 -27.54
CA LEU C 137 8.81 1.54 -26.17
C LEU C 137 9.41 2.72 -25.41
N ASP C 138 10.20 3.54 -26.12
CA ASP C 138 10.81 4.70 -25.48
C ASP C 138 9.74 5.69 -24.99
N THR C 139 8.75 5.96 -25.83
CA THR C 139 7.66 6.84 -25.47
C THR C 139 6.86 6.26 -24.30
N LEU C 140 6.72 4.93 -24.28
CA LEU C 140 6.00 4.27 -23.19
C LEU C 140 6.70 4.50 -21.86
N ALA C 141 7.99 4.14 -21.80
CA ALA C 141 8.82 4.42 -20.61
C ALA C 141 8.63 5.87 -20.16
N LYS C 142 8.90 6.80 -21.08
N LYS C 142 8.87 6.80 -21.09
CA LYS C 142 8.77 8.22 -20.80
CA LYS C 142 8.79 8.24 -20.80
C LYS C 142 7.38 8.55 -20.28
C LYS C 142 7.37 8.71 -20.46
N PHE C 143 6.37 7.98 -20.92
CA PHE C 143 5.00 8.26 -20.52
C PHE C 143 4.81 7.80 -19.07
N THR C 144 5.37 6.64 -18.75
CA THR C 144 5.20 6.06 -17.41
C THR C 144 5.85 6.95 -16.36
N ILE C 145 6.98 7.56 -16.72
CA ILE C 145 7.66 8.49 -15.83
C ILE C 145 6.77 9.69 -15.53
N ALA C 146 6.15 10.23 -16.57
CA ALA C 146 5.27 11.39 -16.41
C ALA C 146 4.02 11.08 -15.60
N VAL C 147 3.47 9.89 -15.79
CA VAL C 147 2.26 9.51 -15.05
C VAL C 147 2.55 9.52 -13.56
N ILE C 148 3.66 8.89 -13.19
CA ILE C 148 4.07 8.82 -11.81
C ILE C 148 4.35 10.20 -11.21
N ASN C 149 5.14 11.03 -11.88
CA ASN C 149 5.56 12.29 -11.24
C ASN C 149 4.44 13.33 -11.17
N THR C 150 3.53 13.28 -12.13
CA THR C 150 2.41 14.21 -12.12
C THR C 150 1.11 13.62 -11.55
N LYS C 151 1.19 12.42 -10.98
CA LYS C 151 -0.04 11.71 -10.57
C LYS C 151 -1.10 11.70 -11.67
N GLY C 152 -0.68 11.34 -12.87
CA GLY C 152 -1.61 11.30 -13.98
C GLY C 152 -1.89 12.62 -14.70
N ARG C 153 -1.56 13.74 -14.07
CA ARG C 153 -1.74 15.06 -14.71
C ARG C 153 -0.66 15.32 -15.76
N VAL C 154 -0.60 14.50 -16.80
CA VAL C 154 0.55 14.53 -17.70
C VAL C 154 0.60 15.72 -18.67
N GLY C 155 -0.54 16.38 -18.89
CA GLY C 155 -0.60 17.51 -19.81
C GLY C 155 -0.89 17.07 -21.24
N ASP C 156 -1.31 18.01 -22.07
CA ASP C 156 -1.76 17.68 -23.44
C ASP C 156 -0.63 17.14 -24.32
N GLU C 157 0.56 17.73 -24.20
CA GLU C 157 1.71 17.37 -25.04
C GLU C 157 2.14 15.91 -24.87
N ALA C 158 2.48 15.53 -23.64
CA ALA C 158 2.84 14.15 -23.36
C ALA C 158 1.72 13.18 -23.79
N PHE C 159 0.47 13.56 -23.61
CA PHE C 159 -0.59 12.63 -23.96
C PHE C 159 -0.70 12.53 -25.46
N ALA C 160 -0.40 13.62 -26.15
CA ALA C 160 -0.42 13.54 -27.60
C ALA C 160 0.79 12.74 -28.07
N ASP C 161 1.93 12.93 -27.42
CA ASP C 161 3.10 12.11 -27.77
C ASP C 161 2.79 10.61 -27.65
N PHE C 162 2.17 10.22 -26.54
CA PHE C 162 1.70 8.84 -26.35
C PHE C 162 0.96 8.36 -27.60
N LEU C 163 -0.10 9.07 -27.98
CA LEU C 163 -0.93 8.60 -29.09
C LEU C 163 -0.16 8.61 -30.39
N GLU C 164 0.63 9.66 -30.60
CA GLU C 164 1.34 9.85 -31.85
C GLU C 164 2.15 8.63 -32.25
N VAL C 165 2.71 7.93 -31.28
CA VAL C 165 3.57 6.78 -31.54
C VAL C 165 2.77 5.49 -31.81
N GLY C 166 1.46 5.54 -31.65
CA GLY C 166 0.63 4.38 -31.91
C GLY C 166 -0.20 3.83 -30.77
N TYR C 167 0.04 4.25 -29.54
CA TYR C 167 -0.79 3.82 -28.41
C TYR C 167 -2.16 4.49 -28.39
N THR C 168 -3.11 3.91 -27.65
CA THR C 168 -4.48 4.43 -27.63
C THR C 168 -4.85 4.87 -26.22
N PRO C 169 -5.98 5.60 -26.06
CA PRO C 169 -6.53 5.99 -24.76
C PRO C 169 -6.73 4.78 -23.84
N GLU C 170 -7.05 3.63 -24.43
CA GLU C 170 -7.18 2.41 -23.67
C GLU C 170 -5.82 2.07 -23.09
N ASN C 171 -4.79 2.17 -23.92
CA ASN C 171 -3.43 1.86 -23.51
C ASN C 171 -2.99 2.72 -22.34
N ALA C 172 -3.40 3.99 -22.34
CA ALA C 172 -2.94 4.90 -21.31
C ALA C 172 -3.51 4.43 -19.97
N LEU C 173 -4.76 4.00 -19.96
CA LEU C 173 -5.35 3.57 -18.69
C LEU C 173 -4.72 2.27 -18.23
N ASP C 174 -4.35 1.40 -19.17
CA ASP C 174 -3.58 0.21 -18.81
C ASP C 174 -2.17 0.53 -18.30
N VAL C 175 -1.63 1.70 -18.69
CA VAL C 175 -0.40 2.19 -18.10
C VAL C 175 -0.68 2.55 -16.64
N VAL C 176 -1.77 3.26 -16.39
CA VAL C 176 -2.16 3.63 -15.02
C VAL C 176 -2.33 2.40 -14.13
N LEU C 177 -3.01 1.39 -14.64
CA LEU C 177 -3.14 0.10 -13.97
C LEU C 177 -1.76 -0.47 -13.56
N GLY C 178 -0.84 -0.55 -14.52
CA GLY C 178 0.54 -0.90 -14.22
C GLY C 178 1.17 -0.13 -13.07
N VAL C 179 0.96 1.19 -13.04
CA VAL C 179 1.56 2.12 -12.08
C VAL C 179 0.90 1.96 -10.72
N SER C 180 -0.40 1.67 -10.75
CA SER C 180 -1.15 1.39 -9.54
C SER C 180 -0.65 0.10 -8.87
N LEU C 181 -0.34 -0.89 -9.68
CA LEU C 181 0.12 -2.17 -9.14
C LEU C 181 1.52 -1.97 -8.60
N ALA C 182 2.30 -1.19 -9.34
CA ALA C 182 3.63 -0.74 -8.93
C ALA C 182 3.60 -0.08 -7.55
N SER C 183 2.65 0.82 -7.35
CA SER C 183 2.56 1.51 -6.07
C SER C 183 2.39 0.54 -4.93
N LEU C 184 1.57 -0.51 -5.13
CA LEU C 184 1.37 -1.51 -4.06
C LEU C 184 2.70 -2.18 -3.68
N CYS C 185 3.37 -2.82 -4.63
CA CYS C 185 4.61 -3.49 -4.29
C CYS C 185 5.86 -2.57 -4.11
N ASN C 186 5.95 -1.47 -4.86
CA ASN C 186 7.10 -0.54 -4.63
C ASN C 186 7.02 0.09 -3.25
N TYR C 187 5.84 0.63 -2.89
CA TYR C 187 5.70 1.35 -1.62
C TYR C 187 5.77 0.38 -0.45
N ALA C 188 5.29 -0.85 -0.67
CA ALA C 188 5.37 -1.83 0.39
C ALA C 188 6.82 -2.23 0.62
N ASN C 189 7.55 -2.56 -0.44
CA ASN C 189 8.98 -2.84 -0.23
C ASN C 189 9.74 -1.63 0.35
N ASN C 190 9.41 -0.42 -0.09
CA ASN C 190 10.15 0.77 0.37
C ASN C 190 9.88 0.95 1.86
N MSE C 191 8.65 0.59 2.29
CA MSE C 191 8.30 0.78 3.68
C MSE C 191 9.05 -0.17 4.58
O MSE C 191 9.54 0.20 5.64
CB MSE C 191 6.80 0.65 3.90
CG MSE C 191 6.41 0.87 5.33
SE MSE C 191 4.50 0.74 5.48
CE MSE C 191 3.89 2.27 4.48
N ALA C 192 9.21 -1.39 4.11
CA ALA C 192 9.88 -2.44 4.86
C ALA C 192 11.39 -2.51 4.63
N ASP C 193 11.90 -1.77 3.64
CA ASP C 193 13.24 -1.98 3.10
C ASP C 193 13.51 -3.47 2.93
N THR C 194 12.61 -4.15 2.23
CA THR C 194 12.61 -5.59 2.11
C THR C 194 13.95 -6.16 1.67
N PRO C 195 14.47 -7.14 2.43
CA PRO C 195 15.71 -7.80 2.03
C PRO C 195 15.55 -8.49 0.67
N ILE C 196 16.65 -8.61 -0.04
CA ILE C 196 16.64 -9.15 -1.38
C ILE C 196 17.12 -10.57 -1.30
N ASN C 197 16.31 -11.49 -1.80
CA ASN C 197 16.66 -12.89 -1.75
C ASN C 197 18.02 -13.10 -2.43
N PRO C 198 18.86 -13.96 -1.84
CA PRO C 198 20.04 -14.44 -2.57
C PRO C 198 19.72 -14.65 -4.03
N GLU C 199 18.65 -15.38 -4.30
CA GLU C 199 18.25 -15.74 -5.66
C GLU C 199 18.20 -14.54 -6.60
N LEU C 200 17.87 -13.37 -6.08
CA LEU C 200 17.74 -12.19 -6.92
C LEU C 200 18.92 -11.19 -6.76
N GLN C 201 19.87 -11.51 -5.89
CA GLN C 201 21.01 -10.63 -5.65
C GLN C 201 21.70 -10.19 -6.94
N GLN C 202 21.90 -11.17 -7.82
N GLN C 202 21.89 -11.13 -7.87
CA GLN C 202 22.51 -10.99 -9.13
CA GLN C 202 22.62 -10.85 -9.09
C GLN C 202 21.95 -9.80 -9.90
C GLN C 202 21.86 -9.97 -10.08
N TYR C 203 20.67 -9.52 -9.71
CA TYR C 203 19.95 -8.57 -10.55
C TYR C 203 19.74 -7.21 -9.93
N VAL C 204 20.30 -6.98 -8.75
CA VAL C 204 20.16 -5.69 -8.10
C VAL C 204 20.82 -4.62 -8.96
N LYS C 205 20.31 -3.39 -8.87
CA LYS C 205 20.84 -2.30 -9.69
C LYS C 205 21.89 -1.51 -8.91
N SER D 24 -11.07 17.08 -24.95
CA SER D 24 -11.52 16.01 -24.05
C SER D 24 -10.90 14.67 -24.42
N LYS D 25 -9.89 14.23 -23.65
CA LYS D 25 -9.05 13.10 -24.04
C LYS D 25 -9.77 11.76 -24.08
N PHE D 26 -10.77 11.59 -23.23
CA PHE D 26 -11.47 10.32 -23.16
C PHE D 26 -12.98 10.43 -23.44
N THR D 27 -13.52 9.38 -24.04
CA THR D 27 -14.96 9.24 -24.08
C THR D 27 -15.40 8.77 -22.70
N ILE D 28 -16.52 9.30 -22.22
CA ILE D 28 -17.13 8.80 -21.01
C ILE D 28 -18.27 7.88 -21.42
N HIS D 29 -18.11 6.59 -21.16
CA HIS D 29 -19.02 5.62 -21.76
C HIS D 29 -20.37 5.52 -21.10
N THR D 30 -21.38 5.26 -21.93
CA THR D 30 -22.67 4.89 -21.42
C THR D 30 -22.74 3.41 -21.65
N ILE D 31 -23.80 2.79 -21.18
CA ILE D 31 -23.94 1.35 -21.24
C ILE D 31 -23.93 0.95 -22.71
N GLU D 32 -24.49 1.83 -23.54
CA GLU D 32 -24.65 1.56 -24.97
C GLU D 32 -23.32 1.48 -25.71
N THR D 33 -22.43 2.44 -25.46
CA THR D 33 -21.19 2.56 -26.23
C THR D 33 -20.01 1.81 -25.61
N ALA D 34 -20.15 1.40 -24.36
CA ALA D 34 -19.08 0.65 -23.71
C ALA D 34 -18.76 -0.61 -24.50
N PRO D 35 -17.48 -1.01 -24.51
CA PRO D 35 -17.10 -2.28 -25.14
C PRO D 35 -18.04 -3.39 -24.71
N GLU D 36 -18.29 -4.35 -25.60
CA GLU D 36 -19.25 -5.40 -25.31
C GLU D 36 -18.98 -6.08 -23.96
N ARG D 37 -17.70 -6.23 -23.63
CA ARG D 37 -17.30 -6.99 -22.44
C ARG D 37 -17.54 -6.25 -21.11
N VAL D 38 -17.88 -4.97 -21.22
CA VAL D 38 -18.03 -4.11 -20.04
C VAL D 38 -19.50 -3.79 -19.79
N LYS D 39 -20.32 -3.98 -20.82
CA LYS D 39 -21.75 -3.70 -20.77
C LYS D 39 -22.38 -4.21 -19.48
N GLU D 40 -22.25 -5.51 -19.20
CA GLU D 40 -22.86 -6.04 -17.99
C GLU D 40 -22.38 -5.28 -16.75
N THR D 41 -21.07 -5.27 -16.51
CA THR D 41 -20.55 -4.58 -15.34
C THR D 41 -21.07 -3.14 -15.29
N LEU D 42 -21.18 -2.51 -16.45
CA LEU D 42 -21.73 -1.16 -16.49
C LEU D 42 -23.22 -1.13 -16.11
N ARG D 43 -23.97 -2.18 -16.46
CA ARG D 43 -25.38 -2.24 -16.07
C ARG D 43 -25.52 -2.39 -14.56
N THR D 44 -24.62 -3.19 -13.96
CA THR D 44 -24.67 -3.41 -12.53
C THR D 44 -24.45 -2.10 -11.77
N VAL D 45 -23.48 -1.30 -12.23
CA VAL D 45 -23.15 -0.06 -11.54
C VAL D 45 -24.21 1.02 -11.73
N LYS D 46 -24.83 1.04 -12.91
CA LYS D 46 -25.87 2.03 -13.20
C LYS D 46 -27.04 1.91 -12.22
N LYS D 47 -27.34 0.69 -11.79
CA LYS D 47 -28.44 0.48 -10.85
C LYS D 47 -28.01 0.49 -9.38
N ASP D 48 -26.80 0.05 -9.08
CA ASP D 48 -26.27 0.20 -7.74
C ASP D 48 -26.15 1.67 -7.29
N ASN D 49 -26.41 2.60 -8.20
CA ASN D 49 -26.30 4.03 -7.89
C ASN D 49 -27.60 4.83 -8.12
N TYR D 52 -27.75 6.34 -12.32
CA TYR D 52 -26.70 7.07 -13.02
C TYR D 52 -25.36 6.32 -12.88
N ILE D 53 -24.41 6.61 -13.78
CA ILE D 53 -23.10 5.97 -13.72
C ILE D 53 -22.00 6.97 -13.34
N PRO D 54 -21.32 6.74 -12.21
CA PRO D 54 -20.23 7.66 -11.84
C PRO D 54 -19.30 7.82 -13.04
N ASN D 55 -18.93 9.05 -13.35
CA ASN D 55 -18.13 9.26 -14.54
C ASN D 55 -16.79 8.54 -14.46
N LEU D 56 -16.33 8.27 -13.24
CA LEU D 56 -15.12 7.48 -13.08
C LEU D 56 -15.27 6.14 -13.78
N ILE D 57 -16.50 5.66 -13.84
CA ILE D 57 -16.79 4.32 -14.34
C ILE D 57 -16.96 4.32 -15.86
N GLY D 58 -17.67 5.31 -16.37
CA GLY D 58 -17.69 5.54 -17.80
C GLY D 58 -16.29 5.70 -18.37
N LEU D 59 -15.39 6.32 -17.59
CA LEU D 59 -14.01 6.55 -18.04
C LEU D 59 -13.24 5.25 -18.11
N LEU D 60 -13.17 4.53 -17.00
CA LEU D 60 -12.43 3.25 -16.97
C LEU D 60 -12.96 2.23 -17.96
N ALA D 61 -14.22 2.37 -18.42
CA ALA D 61 -14.77 1.41 -19.37
C ALA D 61 -13.90 1.30 -20.61
N ASN D 62 -13.21 2.39 -20.94
CA ASN D 62 -12.29 2.44 -22.07
C ASN D 62 -11.20 1.37 -22.02
N ALA D 63 -10.92 0.88 -20.82
CA ALA D 63 -9.89 -0.14 -20.60
C ALA D 63 -10.48 -1.17 -19.63
N PRO D 64 -11.16 -2.18 -20.18
CA PRO D 64 -11.85 -3.19 -19.37
C PRO D 64 -11.01 -3.76 -18.22
N THR D 65 -9.74 -4.05 -18.43
CA THR D 65 -8.91 -4.53 -17.32
C THR D 65 -8.65 -3.47 -16.24
N ALA D 66 -8.73 -2.19 -16.58
CA ALA D 66 -8.53 -1.17 -15.57
C ALA D 66 -9.83 -0.97 -14.78
N LEU D 67 -10.96 -0.99 -15.49
CA LEU D 67 -12.26 -1.04 -14.82
C LEU D 67 -12.36 -2.29 -13.93
N GLU D 68 -11.88 -3.40 -14.45
CA GLU D 68 -11.93 -4.66 -13.73
C GLU D 68 -11.13 -4.58 -12.42
N THR D 69 -9.91 -4.05 -12.51
CA THR D 69 -9.08 -3.87 -11.33
C THR D 69 -9.76 -2.99 -10.30
N TYR D 70 -10.23 -1.83 -10.74
CA TYR D 70 -10.87 -0.90 -9.82
C TYR D 70 -12.00 -1.53 -8.98
N ARG D 71 -12.87 -2.28 -9.63
CA ARG D 71 -13.97 -2.94 -8.92
C ARG D 71 -13.54 -4.18 -8.13
N THR D 72 -12.65 -4.99 -8.72
CA THR D 72 -12.08 -6.12 -8.00
C THR D 72 -11.37 -5.67 -6.74
N VAL D 73 -10.40 -4.76 -6.89
CA VAL D 73 -9.62 -4.28 -5.77
C VAL D 73 -10.55 -3.66 -4.72
N GLY D 74 -11.48 -2.82 -5.17
CA GLY D 74 -12.41 -2.19 -4.24
C GLY D 74 -13.12 -3.26 -3.40
N GLU D 75 -13.51 -4.36 -4.04
CA GLU D 75 -14.15 -5.50 -3.38
C GLU D 75 -13.18 -6.01 -2.32
N ILE D 76 -11.92 -6.19 -2.69
CA ILE D 76 -10.92 -6.73 -1.77
C ILE D 76 -10.64 -5.77 -0.62
N ASN D 77 -10.46 -4.50 -0.96
CA ASN D 77 -10.16 -3.46 0.02
C ASN D 77 -11.22 -3.43 1.11
N ARG D 78 -12.49 -3.56 0.73
CA ARG D 78 -13.59 -3.50 1.69
C ARG D 78 -13.69 -4.72 2.61
N ARG D 79 -12.73 -5.64 2.50
CA ARG D 79 -12.67 -6.82 3.36
C ARG D 79 -11.42 -6.80 4.23
N ASN D 80 -10.68 -5.70 4.16
CA ASN D 80 -9.34 -5.64 4.75
C ASN D 80 -9.37 -5.43 6.25
N SER D 81 -8.19 -5.25 6.85
CA SER D 81 -8.09 -5.23 8.30
C SER D 81 -8.48 -3.85 8.88
N LEU D 82 -8.88 -2.92 8.01
CA LEU D 82 -9.39 -1.62 8.45
C LEU D 82 -10.95 -1.56 8.55
N THR D 83 -11.49 -0.69 9.40
CA THR D 83 -12.94 -0.47 9.45
C THR D 83 -13.46 0.33 8.26
N PRO D 84 -14.79 0.40 8.11
CA PRO D 84 -15.32 1.20 7.00
C PRO D 84 -14.92 2.68 7.09
N THR D 85 -14.89 3.25 8.30
CA THR D 85 -14.52 4.65 8.50
C THR D 85 -13.03 4.85 8.14
N GLU D 86 -12.19 3.96 8.65
CA GLU D 86 -10.76 3.99 8.40
C GLU D 86 -10.44 3.91 6.92
N ARG D 87 -11.14 3.02 6.23
CA ARG D 87 -10.88 2.85 4.81
C ARG D 87 -11.18 4.12 4.05
N GLU D 88 -12.31 4.76 4.41
CA GLU D 88 -12.61 6.08 3.86
C GLU D 88 -11.59 7.19 4.25
N VAL D 89 -11.04 7.12 5.47
CA VAL D 89 -10.05 8.11 5.87
C VAL D 89 -8.91 8.01 4.88
N VAL D 90 -8.54 6.79 4.52
CA VAL D 90 -7.45 6.58 3.57
C VAL D 90 -7.83 7.08 2.19
N GLN D 91 -8.96 6.64 1.67
CA GLN D 91 -9.41 7.08 0.34
C GLN D 91 -9.51 8.62 0.22
N ILE D 92 -10.26 9.27 1.10
CA ILE D 92 -10.41 10.72 1.02
C ILE D 92 -9.06 11.39 1.16
N THR D 93 -8.27 10.96 2.13
CA THR D 93 -6.94 11.54 2.32
C THR D 93 -6.09 11.41 1.07
N ALA D 94 -6.12 10.24 0.44
CA ALA D 94 -5.33 10.03 -0.76
C ALA D 94 -5.82 10.98 -1.85
N ALA D 95 -7.14 11.18 -1.94
CA ALA D 95 -7.71 11.93 -3.04
C ALA D 95 -7.38 13.40 -2.87
N VAL D 96 -7.38 13.87 -1.63
CA VAL D 96 -6.95 15.22 -1.34
C VAL D 96 -5.46 15.45 -1.63
N THR D 97 -4.62 14.55 -1.15
CA THR D 97 -3.18 14.57 -1.35
C THR D 97 -2.77 14.38 -2.84
N ASN D 98 -3.56 13.67 -3.61
CA ASN D 98 -3.31 13.51 -5.05
C ASN D 98 -4.05 14.59 -5.81
N GLY D 99 -4.77 15.43 -5.08
CA GLY D 99 -5.50 16.52 -5.71
C GLY D 99 -6.52 16.07 -6.73
N CYS D 100 -7.31 15.04 -6.40
CA CYS D 100 -8.32 14.55 -7.32
C CYS D 100 -9.74 14.96 -6.86
N ALA D 101 -10.30 15.98 -7.50
CA ALA D 101 -11.57 16.56 -7.08
C ALA D 101 -12.78 15.62 -7.26
N PHE D 102 -12.77 14.76 -8.27
CA PHE D 102 -13.87 13.82 -8.46
C PHE D 102 -13.85 12.82 -7.32
N CYS D 103 -12.69 12.23 -7.07
CA CYS D 103 -12.63 11.17 -6.08
C CYS D 103 -12.92 11.70 -4.68
N VAL D 104 -12.52 12.95 -4.42
CA VAL D 104 -12.95 13.59 -3.19
C VAL D 104 -14.49 13.66 -3.17
N ALA D 105 -15.07 14.20 -4.24
CA ALA D 105 -16.52 14.36 -4.34
C ALA D 105 -17.20 13.01 -4.13
N GLY D 106 -16.81 12.02 -4.90
CA GLY D 106 -17.37 10.69 -4.79
C GLY D 106 -17.28 10.14 -3.38
N HIS D 107 -16.10 10.19 -2.76
CA HIS D 107 -15.98 9.56 -1.45
C HIS D 107 -16.74 10.31 -0.35
N THR D 108 -16.87 11.62 -0.49
CA THR D 108 -17.74 12.38 0.39
C THR D 108 -19.19 11.90 0.26
N ALA D 109 -19.64 11.74 -0.98
CA ALA D 109 -20.97 11.17 -1.22
C ALA D 109 -21.15 9.84 -0.47
N PHE D 110 -20.23 8.90 -0.67
CA PHE D 110 -20.23 7.62 0.05
C PHE D 110 -20.24 7.78 1.58
N SER D 111 -19.35 8.63 2.09
CA SER D 111 -19.20 8.81 3.54
C SER D 111 -20.48 9.29 4.22
N ILE D 112 -21.06 10.36 3.68
CA ILE D 112 -22.28 10.94 4.24
C ILE D 112 -23.43 9.96 4.22
N LYS D 113 -23.71 9.41 3.04
CA LYS D 113 -24.95 8.62 2.86
C LYS D 113 -24.85 7.12 3.23
N GLN D 114 -23.66 6.54 3.08
N GLN D 114 -23.64 6.55 3.13
CA GLN D 114 -23.48 5.12 3.37
CA GLN D 114 -23.47 5.12 3.37
C GLN D 114 -22.86 4.87 4.76
C GLN D 114 -22.61 4.78 4.60
N ILE D 115 -22.02 5.79 5.22
CA ILE D 115 -21.33 5.62 6.51
C ILE D 115 -21.90 6.46 7.67
N GLN D 116 -22.70 7.48 7.37
CA GLN D 116 -23.12 8.48 8.37
C GLN D 116 -21.96 9.10 9.14
N MSE D 117 -20.86 9.39 8.45
CA MSE D 117 -19.68 9.98 9.08
C MSE D 117 -20.08 11.30 9.74
O MSE D 117 -20.90 12.05 9.21
CB MSE D 117 -18.59 10.21 8.04
CG MSE D 117 -17.25 10.67 8.58
SE MSE D 117 -15.88 10.43 7.20
CE MSE D 117 -16.01 8.48 6.99
N ALA D 118 -19.52 11.59 10.91
CA ALA D 118 -19.82 12.86 11.57
C ALA D 118 -19.23 14.02 10.76
N PRO D 119 -19.96 15.15 10.68
CA PRO D 119 -19.58 16.32 9.87
C PRO D 119 -18.20 16.88 10.20
N ASP D 120 -17.80 16.77 11.46
CA ASP D 120 -16.49 17.27 11.89
C ASP D 120 -15.35 16.47 11.26
N LEU D 121 -15.46 15.14 11.34
CA LEU D 121 -14.45 14.26 10.75
C LEU D 121 -14.34 14.48 9.23
N LEU D 122 -15.50 14.45 8.56
CA LEU D 122 -15.60 14.68 7.12
C LEU D 122 -14.90 15.98 6.69
N GLU D 123 -15.17 17.06 7.42
CA GLU D 123 -14.53 18.36 7.17
C GLU D 123 -13.01 18.30 7.33
N ALA D 124 -12.51 17.65 8.38
CA ALA D 124 -11.07 17.56 8.59
C ALA D 124 -10.35 16.76 7.49
N LEU D 125 -11.00 15.70 7.02
CA LEU D 125 -10.45 14.82 5.99
C LEU D 125 -10.35 15.58 4.67
N ARG D 126 -11.44 16.25 4.32
CA ARG D 126 -11.53 16.99 3.07
C ARG D 126 -10.47 18.09 2.99
N ASN D 127 -9.96 18.52 4.14
CA ASN D 127 -9.02 19.64 4.17
C ASN D 127 -7.63 19.24 4.68
N ALA D 128 -7.41 17.94 4.84
CA ALA D 128 -6.15 17.44 5.41
C ALA D 128 -5.72 18.17 6.69
N THR D 129 -6.71 18.65 7.44
CA THR D 129 -6.47 19.29 8.72
C THR D 129 -6.65 18.27 9.86
N PRO D 130 -6.18 18.60 11.06
CA PRO D 130 -6.18 17.60 12.14
C PRO D 130 -7.57 17.12 12.54
N ILE D 131 -7.66 15.86 12.94
CA ILE D 131 -8.90 15.30 13.47
C ILE D 131 -8.85 15.42 14.99
N ASP D 132 -9.55 16.43 15.50
CA ASP D 132 -9.39 16.81 16.90
C ASP D 132 -9.99 15.80 17.88
N ASP D 133 -11.13 15.24 17.53
CA ASP D 133 -11.80 14.33 18.45
C ASP D 133 -11.06 13.00 18.61
N ASP D 134 -10.37 12.58 17.56
CA ASP D 134 -9.95 11.19 17.44
C ASP D 134 -8.48 11.09 17.05
N PRO D 135 -7.62 10.78 18.02
CA PRO D 135 -6.18 10.75 17.72
C PRO D 135 -5.80 9.55 16.84
N LYS D 136 -6.54 8.43 16.94
CA LYS D 136 -6.24 7.27 16.08
C LYS D 136 -6.48 7.60 14.61
N LEU D 137 -7.67 8.06 14.28
CA LEU D 137 -7.96 8.50 12.92
C LEU D 137 -7.06 9.69 12.48
N ASP D 138 -6.62 10.53 13.41
CA ASP D 138 -5.66 11.60 13.08
C ASP D 138 -4.34 11.00 12.61
N THR D 139 -3.81 10.05 13.36
CA THR D 139 -2.56 9.40 13.00
C THR D 139 -2.70 8.63 11.69
N LEU D 140 -3.87 8.02 11.49
CA LEU D 140 -4.14 7.26 10.28
C LEU D 140 -4.08 8.13 9.02
N ALA D 141 -4.74 9.28 9.08
CA ALA D 141 -4.70 10.26 7.98
C ALA D 141 -3.27 10.77 7.72
N LYS D 142 -2.52 11.10 8.77
CA LYS D 142 -1.15 11.57 8.55
C LYS D 142 -0.26 10.48 7.97
N PHE D 143 -0.45 9.25 8.44
CA PHE D 143 0.28 8.13 7.91
C PHE D 143 0.03 7.96 6.40
N THR D 144 -1.23 8.14 5.99
CA THR D 144 -1.57 7.93 4.60
C THR D 144 -0.84 9.03 3.79
N ILE D 145 -0.84 10.25 4.30
CA ILE D 145 -0.16 11.37 3.64
C ILE D 145 1.34 11.09 3.51
N ALA D 146 1.96 10.62 4.59
CA ALA D 146 3.37 10.26 4.56
C ALA D 146 3.65 9.17 3.53
N VAL D 147 2.81 8.14 3.47
CA VAL D 147 3.01 7.06 2.51
C VAL D 147 3.07 7.61 1.09
N ILE D 148 2.09 8.44 0.74
CA ILE D 148 2.00 9.04 -0.59
C ILE D 148 3.21 9.96 -0.90
N ASN D 149 3.50 10.92 -0.03
CA ASN D 149 4.62 11.83 -0.24
C ASN D 149 6.01 11.20 -0.14
N THR D 150 6.13 9.99 0.39
CA THR D 150 7.45 9.36 0.47
C THR D 150 7.55 8.02 -0.24
N LYS D 151 6.59 7.71 -1.11
CA LYS D 151 6.59 6.43 -1.81
C LYS D 151 6.83 5.25 -0.84
N GLY D 152 6.32 5.39 0.38
CA GLY D 152 6.35 4.29 1.34
C GLY D 152 7.42 4.39 2.40
N ARG D 153 8.38 5.29 2.19
CA ARG D 153 9.45 5.46 3.19
C ARG D 153 9.02 6.39 4.28
N VAL D 154 8.06 5.94 5.08
CA VAL D 154 7.43 6.79 6.08
C VAL D 154 8.39 7.19 7.21
N GLY D 155 9.48 6.42 7.39
CA GLY D 155 10.42 6.61 8.48
C GLY D 155 10.04 5.97 9.80
N ASP D 156 11.03 5.80 10.69
CA ASP D 156 10.81 5.16 11.97
C ASP D 156 9.81 5.87 12.86
N GLU D 157 9.81 7.20 12.87
CA GLU D 157 9.01 7.90 13.86
C GLU D 157 7.52 7.81 13.50
N ALA D 158 7.21 8.02 12.23
CA ALA D 158 5.84 7.92 11.74
C ALA D 158 5.29 6.52 11.96
N PHE D 159 6.12 5.53 11.66
CA PHE D 159 5.72 4.14 11.79
C PHE D 159 5.40 3.84 13.27
N ALA D 160 6.30 4.24 14.16
CA ALA D 160 6.13 3.95 15.58
C ALA D 160 4.91 4.67 16.09
N ASP D 161 4.65 5.86 15.56
CA ASP D 161 3.45 6.59 15.92
C ASP D 161 2.20 5.82 15.49
N PHE D 162 2.25 5.16 14.33
CA PHE D 162 1.13 4.38 13.79
C PHE D 162 0.79 3.26 14.78
N LEU D 163 1.81 2.56 15.25
CA LEU D 163 1.60 1.42 16.14
C LEU D 163 1.13 1.87 17.52
N GLU D 164 1.71 2.94 18.04
CA GLU D 164 1.43 3.38 19.41
C GLU D 164 -0.06 3.70 19.62
N VAL D 165 -0.71 4.12 18.54
CA VAL D 165 -2.12 4.49 18.53
C VAL D 165 -3.02 3.23 18.40
N GLY D 166 -2.42 2.10 18.04
CA GLY D 166 -3.11 0.83 18.09
C GLY D 166 -3.13 0.10 16.76
N TYR D 167 -2.58 0.68 15.70
CA TYR D 167 -2.60 -0.01 14.42
C TYR D 167 -1.48 -1.04 14.42
N THR D 168 -1.49 -1.94 13.45
CA THR D 168 -0.52 -3.04 13.43
C THR D 168 0.27 -3.02 12.13
N PRO D 169 1.38 -3.77 12.08
CA PRO D 169 2.06 -3.88 10.78
C PRO D 169 1.10 -4.31 9.67
N GLU D 170 0.15 -5.19 9.99
CA GLU D 170 -0.90 -5.58 9.05
C GLU D 170 -1.69 -4.37 8.53
N ASN D 171 -2.11 -3.49 9.44
CA ASN D 171 -2.92 -2.35 9.03
C ASN D 171 -2.10 -1.42 8.16
N ALA D 172 -0.79 -1.35 8.40
CA ALA D 172 0.03 -0.45 7.58
C ALA D 172 -0.02 -0.90 6.12
N LEU D 173 0.04 -2.22 5.89
CA LEU D 173 0.03 -2.71 4.52
C LEU D 173 -1.34 -2.61 3.87
N ASP D 174 -2.42 -2.71 4.65
CA ASP D 174 -3.74 -2.36 4.10
C ASP D 174 -3.96 -0.86 3.82
N VAL D 175 -3.24 0.02 4.53
CA VAL D 175 -3.21 1.43 4.15
C VAL D 175 -2.52 1.60 2.79
N VAL D 176 -1.44 0.85 2.59
CA VAL D 176 -0.78 0.84 1.28
C VAL D 176 -1.67 0.30 0.17
N LEU D 177 -2.46 -0.71 0.51
CA LEU D 177 -3.49 -1.25 -0.39
C LEU D 177 -4.45 -0.15 -0.83
N GLY D 178 -5.00 0.57 0.15
CA GLY D 178 -5.86 1.73 -0.10
C GLY D 178 -5.23 2.75 -1.02
N VAL D 179 -3.96 3.08 -0.75
CA VAL D 179 -3.21 4.07 -1.52
C VAL D 179 -3.05 3.61 -2.97
N SER D 180 -2.73 2.33 -3.13
CA SER D 180 -2.61 1.78 -4.48
C SER D 180 -3.94 1.85 -5.26
N LEU D 181 -5.06 1.63 -4.56
CA LEU D 181 -6.36 1.70 -5.19
C LEU D 181 -6.62 3.14 -5.59
N ALA D 182 -6.38 4.05 -4.65
CA ALA D 182 -6.62 5.46 -4.91
C ALA D 182 -5.76 5.97 -6.08
N SER D 183 -4.57 5.41 -6.27
CA SER D 183 -3.74 5.91 -7.37
C SER D 183 -4.34 5.55 -8.70
N LEU D 184 -5.09 4.44 -8.72
CA LEU D 184 -5.78 4.02 -9.94
C LEU D 184 -6.87 5.01 -10.30
N CYS D 185 -7.82 5.22 -9.40
CA CYS D 185 -8.89 6.15 -9.72
C CYS D 185 -8.42 7.60 -9.71
N ASN D 186 -7.54 7.95 -8.78
CA ASN D 186 -7.01 9.31 -8.74
C ASN D 186 -6.23 9.63 -10.00
N TYR D 187 -5.33 8.74 -10.44
CA TYR D 187 -4.45 9.12 -11.56
C TYR D 187 -5.25 9.12 -12.87
N ALA D 188 -6.17 8.17 -13.02
CA ALA D 188 -7.01 8.14 -14.22
C ALA D 188 -7.90 9.38 -14.25
N ASN D 189 -8.59 9.67 -13.15
CA ASN D 189 -9.42 10.88 -13.07
C ASN D 189 -8.59 12.17 -13.31
N ASN D 190 -7.39 12.26 -12.73
CA ASN D 190 -6.51 13.41 -12.97
C ASN D 190 -6.12 13.48 -14.44
N MSE D 191 -5.86 12.33 -15.05
CA MSE D 191 -5.46 12.27 -16.44
C MSE D 191 -6.60 12.69 -17.38
O MSE D 191 -6.36 13.36 -18.37
CB MSE D 191 -4.97 10.88 -16.82
CG MSE D 191 -4.62 10.74 -18.30
SE MSE D 191 -3.82 9.00 -18.75
CE MSE D 191 -2.53 8.85 -17.32
N ALA D 192 -7.83 12.32 -17.07
CA ALA D 192 -8.93 12.59 -17.98
C ALA D 192 -9.62 13.90 -17.67
N ASP D 193 -9.27 14.51 -16.54
CA ASP D 193 -10.06 15.61 -15.96
C ASP D 193 -11.57 15.33 -15.99
N THR D 194 -11.93 14.19 -15.39
CA THR D 194 -13.28 13.66 -15.41
C THR D 194 -14.34 14.66 -14.97
N PRO D 195 -15.37 14.87 -15.80
CA PRO D 195 -16.44 15.77 -15.36
C PRO D 195 -17.18 15.18 -14.16
N ILE D 196 -17.74 16.02 -13.32
CA ILE D 196 -18.45 15.55 -12.14
C ILE D 196 -19.95 15.41 -12.40
N ASN D 197 -20.49 14.24 -12.08
CA ASN D 197 -21.93 14.00 -12.23
C ASN D 197 -22.74 14.96 -11.38
N PRO D 198 -23.81 15.51 -11.96
CA PRO D 198 -24.65 16.49 -11.26
C PRO D 198 -25.14 15.95 -9.92
N GLU D 199 -25.18 14.63 -9.79
CA GLU D 199 -25.62 13.99 -8.55
C GLU D 199 -24.59 14.25 -7.45
N LEU D 200 -23.33 14.37 -7.85
CA LEU D 200 -22.23 14.53 -6.90
C LEU D 200 -21.78 15.99 -6.80
N GLN D 201 -22.38 16.85 -7.60
CA GLN D 201 -22.05 18.27 -7.64
C GLN D 201 -21.99 18.87 -6.23
N GLN D 202 -22.90 18.41 -5.36
CA GLN D 202 -23.04 18.99 -4.03
C GLN D 202 -21.86 18.70 -3.11
N TYR D 203 -21.21 17.55 -3.30
CA TYR D 203 -20.15 17.10 -2.39
C TYR D 203 -18.72 17.50 -2.82
N VAL D 204 -18.58 18.59 -3.56
CA VAL D 204 -17.27 18.98 -4.07
C VAL D 204 -16.49 19.88 -3.09
N PHE E 26 -16.34 -27.64 37.91
CA PHE E 26 -15.15 -27.21 37.19
C PHE E 26 -14.30 -26.18 37.96
N THR E 27 -12.99 -26.20 37.74
CA THR E 27 -12.10 -25.24 38.39
C THR E 27 -11.89 -24.01 37.49
N ILE E 28 -12.32 -22.86 37.99
CA ILE E 28 -12.14 -21.60 37.28
C ILE E 28 -10.73 -21.07 37.52
N HIS E 29 -9.81 -21.53 36.68
CA HIS E 29 -8.39 -21.29 36.86
C HIS E 29 -8.02 -19.81 36.98
N THR E 30 -6.89 -19.55 37.63
CA THR E 30 -6.24 -18.25 37.58
C THR E 30 -4.88 -18.50 36.96
N ILE E 31 -4.09 -17.44 36.75
CA ILE E 31 -2.76 -17.60 36.19
C ILE E 31 -1.99 -18.72 36.86
N GLU E 32 -2.14 -18.83 38.18
CA GLU E 32 -1.43 -19.83 38.97
C GLU E 32 -1.91 -21.26 38.75
N THR E 33 -3.22 -21.46 38.71
CA THR E 33 -3.77 -22.80 38.51
C THR E 33 -3.58 -23.26 37.07
N ALA E 34 -3.94 -22.40 36.12
CA ALA E 34 -3.93 -22.72 34.69
C ALA E 34 -2.76 -23.61 34.26
N PRO E 35 -3.01 -24.52 33.31
CA PRO E 35 -1.96 -25.40 32.76
C PRO E 35 -0.80 -24.60 32.20
N GLU E 36 0.28 -25.29 31.81
CA GLU E 36 1.49 -24.61 31.36
C GLU E 36 1.25 -23.78 30.10
N ARG E 37 0.82 -24.44 29.02
CA ARG E 37 0.70 -23.79 27.71
C ARG E 37 -0.43 -22.77 27.60
N VAL E 38 -1.01 -22.41 28.74
CA VAL E 38 -2.19 -21.56 28.75
C VAL E 38 -1.97 -20.23 29.47
N LYS E 39 -1.02 -20.21 30.38
CA LYS E 39 -0.72 -19.01 31.17
C LYS E 39 -0.59 -17.75 30.31
N GLU E 40 0.24 -17.81 29.29
CA GLU E 40 0.50 -16.62 28.48
C GLU E 40 -0.79 -16.13 27.84
N THR E 41 -1.64 -17.08 27.47
CA THR E 41 -2.96 -16.78 26.93
C THR E 41 -3.84 -16.10 27.99
N LEU E 42 -3.70 -16.52 29.23
CA LEU E 42 -4.49 -15.94 30.30
C LEU E 42 -4.06 -14.52 30.60
N ARG E 43 -2.76 -14.31 30.72
CA ARG E 43 -2.22 -12.98 30.98
C ARG E 43 -2.74 -12.00 29.93
N THR E 44 -2.59 -12.34 28.65
CA THR E 44 -3.11 -11.51 27.56
C THR E 44 -4.51 -11.03 27.90
N VAL E 45 -5.35 -11.95 28.36
CA VAL E 45 -6.77 -11.71 28.59
C VAL E 45 -7.07 -10.67 29.68
N LYS E 46 -6.61 -10.95 30.89
CA LYS E 46 -6.85 -10.05 32.02
C LYS E 46 -6.62 -8.61 31.59
N LYS E 47 -5.53 -8.42 30.85
CA LYS E 47 -5.10 -7.11 30.37
C LYS E 47 -6.16 -6.44 29.49
N ASP E 48 -6.71 -7.20 28.55
CA ASP E 48 -7.74 -6.70 27.65
C ASP E 48 -9.08 -6.50 28.37
N ASN E 49 -9.12 -6.87 29.64
CA ASN E 49 -10.33 -6.66 30.44
C ASN E 49 -10.07 -5.77 31.67
N GLY E 50 -9.06 -4.93 31.59
CA GLY E 50 -8.78 -3.96 32.64
C GLY E 50 -8.64 -4.57 34.02
N GLY E 51 -8.26 -5.85 34.08
CA GLY E 51 -7.82 -6.42 35.35
C GLY E 51 -8.55 -7.63 35.88
N TYR E 52 -9.39 -8.26 35.05
CA TYR E 52 -10.09 -9.47 35.47
C TYR E 52 -10.23 -10.46 34.33
N ILE E 53 -10.16 -11.75 34.66
CA ILE E 53 -10.33 -12.81 33.68
C ILE E 53 -11.76 -13.32 33.65
N PRO E 54 -12.47 -13.08 32.53
CA PRO E 54 -13.83 -13.60 32.36
C PRO E 54 -13.88 -15.07 32.74
N ASN E 55 -14.80 -15.42 33.62
CA ASN E 55 -14.93 -16.78 34.14
C ASN E 55 -14.96 -17.84 33.05
N LEU E 56 -15.55 -17.51 31.91
CA LEU E 56 -15.59 -18.41 30.75
C LEU E 56 -14.17 -18.85 30.38
N ILE E 57 -13.26 -17.90 30.29
CA ILE E 57 -11.86 -18.20 30.01
C ILE E 57 -11.31 -19.12 31.09
N GLY E 58 -11.64 -18.83 32.35
CA GLY E 58 -11.25 -19.68 33.46
C GLY E 58 -11.57 -21.13 33.18
N LEU E 59 -12.81 -21.38 32.80
CA LEU E 59 -13.29 -22.71 32.48
C LEU E 59 -12.54 -23.32 31.29
N LEU E 60 -12.63 -22.66 30.13
CA LEU E 60 -12.08 -23.23 28.91
C LEU E 60 -10.59 -23.54 29.10
N ALA E 61 -9.96 -22.84 30.04
CA ALA E 61 -8.54 -23.03 30.33
C ALA E 61 -8.28 -24.48 30.73
N ASN E 62 -9.33 -25.14 31.20
CA ASN E 62 -9.25 -26.54 31.59
C ASN E 62 -8.97 -27.48 30.42
N ALA E 63 -9.37 -27.04 29.22
CA ALA E 63 -9.07 -27.78 27.99
C ALA E 63 -8.33 -26.90 27.00
N PRO E 64 -7.01 -26.75 27.19
CA PRO E 64 -6.18 -25.83 26.40
C PRO E 64 -6.57 -25.71 24.93
N THR E 65 -7.17 -26.75 24.36
CA THR E 65 -7.59 -26.73 22.96
C THR E 65 -8.95 -26.08 22.74
N ALA E 66 -9.74 -25.94 23.80
CA ALA E 66 -11.07 -25.35 23.70
C ALA E 66 -10.99 -23.85 23.96
N LEU E 67 -10.20 -23.49 24.96
CA LEU E 67 -9.77 -22.09 25.11
C LEU E 67 -9.17 -21.63 23.79
N GLU E 68 -8.32 -22.47 23.22
CA GLU E 68 -7.56 -22.10 22.02
C GLU E 68 -8.48 -22.01 20.80
N THR E 69 -9.45 -22.91 20.72
CA THR E 69 -10.40 -22.94 19.61
C THR E 69 -11.31 -21.71 19.67
N TYR E 70 -11.78 -21.39 20.87
CA TYR E 70 -12.64 -20.23 21.09
C TYR E 70 -11.92 -18.93 20.74
N ARG E 71 -10.62 -18.87 21.00
CA ARG E 71 -9.84 -17.68 20.66
C ARG E 71 -9.59 -17.56 19.16
N THR E 72 -9.08 -18.63 18.56
CA THR E 72 -8.89 -18.68 17.11
C THR E 72 -10.20 -18.41 16.35
N VAL E 73 -11.24 -19.21 16.60
CA VAL E 73 -12.53 -19.06 15.93
C VAL E 73 -13.09 -17.63 15.99
N GLY E 74 -13.11 -17.06 17.19
CA GLY E 74 -13.65 -15.73 17.38
C GLY E 74 -12.88 -14.65 16.63
N GLU E 75 -11.57 -14.86 16.49
CA GLU E 75 -10.80 -13.94 15.68
C GLU E 75 -11.29 -14.08 14.25
N ILE E 76 -11.40 -15.31 13.77
CA ILE E 76 -11.87 -15.55 12.41
C ILE E 76 -13.26 -15.00 12.18
N ASN E 77 -14.15 -15.25 13.14
CA ASN E 77 -15.51 -14.79 13.03
C ASN E 77 -15.56 -13.29 12.82
N ARG E 78 -14.68 -12.59 13.53
CA ARG E 78 -14.62 -11.14 13.47
C ARG E 78 -14.31 -10.62 12.06
N ARG E 79 -13.71 -11.45 11.22
N ARG E 79 -13.69 -11.45 11.23
CA ARG E 79 -13.42 -11.07 9.84
CA ARG E 79 -13.39 -11.09 9.85
C ARG E 79 -14.45 -11.62 8.86
C ARG E 79 -14.43 -11.63 8.86
N ASN E 80 -15.58 -12.08 9.36
CA ASN E 80 -16.59 -12.68 8.47
C ASN E 80 -17.33 -11.67 7.59
N SER E 81 -18.34 -12.12 6.87
CA SER E 81 -19.01 -11.27 5.87
C SER E 81 -20.10 -10.42 6.50
N LEU E 82 -20.27 -10.60 7.80
CA LEU E 82 -21.23 -9.81 8.56
C LEU E 82 -20.52 -8.58 9.12
N THR E 83 -21.26 -7.53 9.44
CA THR E 83 -20.70 -6.34 10.08
C THR E 83 -20.54 -6.61 11.57
N PRO E 84 -20.03 -5.65 12.35
CA PRO E 84 -19.96 -5.94 13.79
C PRO E 84 -21.30 -6.01 14.50
N THR E 85 -22.29 -5.25 14.04
CA THR E 85 -23.60 -5.21 14.70
C THR E 85 -24.35 -6.52 14.47
N GLU E 86 -24.38 -6.95 13.21
CA GLU E 86 -25.03 -8.19 12.82
C GLU E 86 -24.47 -9.33 13.64
N ARG E 87 -23.15 -9.41 13.76
CA ARG E 87 -22.54 -10.55 14.45
C ARG E 87 -22.95 -10.68 15.92
N GLU E 88 -23.22 -9.56 16.56
CA GLU E 88 -23.62 -9.59 17.97
C GLU E 88 -25.08 -9.98 18.02
N VAL E 89 -25.80 -9.71 16.93
CA VAL E 89 -27.15 -10.18 16.80
C VAL E 89 -27.12 -11.70 16.86
N VAL E 90 -26.31 -12.30 16.00
CA VAL E 90 -26.15 -13.75 15.98
C VAL E 90 -25.66 -14.27 17.33
N GLN E 91 -24.64 -13.61 17.88
CA GLN E 91 -24.05 -14.04 19.15
C GLN E 91 -24.97 -13.91 20.36
N ILE E 92 -25.56 -12.74 20.56
CA ILE E 92 -26.52 -12.56 21.65
C ILE E 92 -27.65 -13.56 21.49
N THR E 93 -28.16 -13.67 20.27
CA THR E 93 -29.34 -14.52 20.03
C THR E 93 -29.10 -16.00 20.34
N ALA E 94 -28.05 -16.58 19.76
CA ALA E 94 -27.70 -17.96 20.07
C ALA E 94 -27.57 -18.13 21.59
N ALA E 95 -27.11 -17.08 22.26
CA ALA E 95 -26.92 -17.10 23.71
C ALA E 95 -28.25 -17.15 24.45
N VAL E 96 -29.20 -16.32 24.02
CA VAL E 96 -30.53 -16.31 24.58
C VAL E 96 -31.17 -17.67 24.33
N THR E 97 -31.05 -18.12 23.09
CA THR E 97 -31.69 -19.35 22.66
C THR E 97 -31.18 -20.57 23.42
N ASN E 98 -29.87 -20.80 23.38
CA ASN E 98 -29.30 -21.95 24.09
C ASN E 98 -29.47 -21.77 25.61
N GLY E 99 -30.31 -20.82 25.99
CA GLY E 99 -30.57 -20.52 27.40
C GLY E 99 -29.37 -20.15 28.23
N CYS E 100 -28.29 -19.67 27.60
CA CYS E 100 -27.05 -19.37 28.33
C CYS E 100 -27.01 -17.99 28.97
N ALA E 101 -26.78 -17.96 30.28
CA ALA E 101 -26.84 -16.74 31.06
C ALA E 101 -25.52 -15.96 31.05
N PHE E 102 -24.41 -16.68 31.13
CA PHE E 102 -23.11 -16.05 31.14
C PHE E 102 -22.83 -15.39 29.79
N CYS E 103 -22.86 -16.17 28.73
CA CYS E 103 -22.55 -15.65 27.41
C CYS E 103 -23.56 -14.59 26.96
N VAL E 104 -24.71 -14.55 27.63
CA VAL E 104 -25.75 -13.58 27.27
C VAL E 104 -25.50 -12.24 27.94
N ALA E 105 -24.76 -12.26 29.05
CA ALA E 105 -24.36 -11.01 29.70
C ALA E 105 -23.06 -10.50 29.07
N GLY E 106 -22.10 -11.40 28.90
CA GLY E 106 -20.83 -11.06 28.30
C GLY E 106 -20.97 -10.39 26.94
N HIS E 107 -21.85 -10.94 26.11
CA HIS E 107 -22.11 -10.36 24.80
C HIS E 107 -22.99 -9.12 24.91
N THR E 108 -23.35 -8.75 26.14
CA THR E 108 -24.11 -7.53 26.36
C THR E 108 -23.15 -6.41 26.73
N ALA E 109 -22.04 -6.78 27.36
CA ALA E 109 -20.99 -5.82 27.69
C ALA E 109 -20.32 -5.35 26.41
N PHE E 110 -19.84 -6.30 25.62
CA PHE E 110 -19.15 -6.01 24.36
C PHE E 110 -20.01 -5.12 23.47
N SER E 111 -21.33 -5.32 23.54
CA SER E 111 -22.27 -4.53 22.73
C SER E 111 -22.24 -3.06 23.11
N ILE E 112 -21.84 -2.77 24.34
CA ILE E 112 -21.77 -1.40 24.82
C ILE E 112 -20.34 -0.87 24.78
N LYS E 113 -19.43 -1.63 25.37
CA LYS E 113 -18.01 -1.27 25.40
C LYS E 113 -17.44 -1.05 24.01
N GLN E 114 -17.90 -1.83 23.04
CA GLN E 114 -17.23 -1.90 21.74
C GLN E 114 -18.10 -1.49 20.55
N ILE E 115 -19.41 -1.51 20.71
CA ILE E 115 -20.29 -1.27 19.57
C ILE E 115 -21.21 -0.06 19.78
N GLN E 116 -21.58 0.18 21.03
CA GLN E 116 -22.66 1.11 21.37
C GLN E 116 -23.87 0.95 20.44
N MSE E 117 -24.67 -0.09 20.68
CA MSE E 117 -25.90 -0.26 19.91
C MSE E 117 -27.10 0.37 20.62
O MSE E 117 -27.03 0.68 21.82
CB MSE E 117 -26.18 -1.75 19.54
CG MSE E 117 -25.85 -2.79 20.61
SE MSE E 117 -26.62 -4.58 20.22
CE MSE E 117 -26.10 -4.74 18.34
N ALA E 118 -28.17 0.59 19.88
CA ALA E 118 -29.37 1.23 20.41
C ALA E 118 -29.92 0.49 21.63
N PRO E 119 -30.47 1.24 22.59
CA PRO E 119 -31.14 0.64 23.73
C PRO E 119 -32.29 -0.26 23.27
N ASP E 120 -33.08 0.26 22.34
CA ASP E 120 -34.21 -0.47 21.78
C ASP E 120 -33.78 -1.80 21.20
N LEU E 121 -32.65 -1.77 20.49
CA LEU E 121 -32.11 -2.96 19.84
C LEU E 121 -31.63 -4.00 20.83
N LEU E 122 -30.55 -3.69 21.55
CA LEU E 122 -29.96 -4.62 22.50
C LEU E 122 -31.02 -5.25 23.40
N GLU E 123 -31.97 -4.44 23.86
CA GLU E 123 -33.05 -4.95 24.69
C GLU E 123 -33.92 -5.96 23.92
N ALA E 124 -34.35 -5.58 22.72
CA ALA E 124 -35.18 -6.48 21.90
C ALA E 124 -34.46 -7.80 21.60
N LEU E 125 -33.15 -7.72 21.49
CA LEU E 125 -32.32 -8.88 21.20
C LEU E 125 -32.33 -9.85 22.37
N ARG E 126 -31.97 -9.36 23.55
CA ARG E 126 -31.87 -10.20 24.74
C ARG E 126 -33.18 -10.91 25.08
N ASN E 127 -34.29 -10.22 24.84
CA ASN E 127 -35.59 -10.77 25.18
C ASN E 127 -36.22 -11.46 23.96
N ALA E 128 -35.45 -11.53 22.89
CA ALA E 128 -35.87 -12.19 21.65
C ALA E 128 -37.12 -11.57 21.02
N THR E 129 -37.38 -10.30 21.36
CA THR E 129 -38.54 -9.59 20.81
C THR E 129 -38.20 -8.82 19.53
N PRO E 130 -39.15 -8.79 18.59
CA PRO E 130 -39.00 -8.21 17.24
C PRO E 130 -38.45 -6.80 17.23
N ILE E 131 -37.31 -6.62 16.58
CA ILE E 131 -36.70 -5.30 16.44
C ILE E 131 -37.35 -4.58 15.27
N ASP E 132 -38.06 -3.50 15.58
CA ASP E 132 -39.00 -2.91 14.62
C ASP E 132 -38.39 -1.88 13.68
N ASP E 133 -37.43 -1.10 14.17
CA ASP E 133 -36.83 -0.05 13.37
C ASP E 133 -35.97 -0.59 12.22
N ASP E 134 -35.84 -1.91 12.14
CA ASP E 134 -34.94 -2.50 11.14
C ASP E 134 -35.25 -3.97 10.85
N PRO E 135 -35.90 -4.23 9.70
CA PRO E 135 -36.18 -5.58 9.25
C PRO E 135 -34.91 -6.41 9.04
N LYS E 136 -33.91 -5.85 8.37
CA LYS E 136 -32.69 -6.59 8.07
C LYS E 136 -32.10 -7.31 9.29
N LEU E 137 -32.06 -6.65 10.44
CA LEU E 137 -31.51 -7.26 11.64
C LEU E 137 -32.56 -8.03 12.44
N ASP E 138 -33.84 -7.76 12.16
CA ASP E 138 -34.91 -8.58 12.73
C ASP E 138 -34.88 -9.93 12.01
N THR E 139 -34.71 -9.87 10.70
CA THR E 139 -34.67 -11.05 9.84
C THR E 139 -33.44 -11.94 10.05
N LEU E 140 -32.30 -11.34 10.33
CA LEU E 140 -31.10 -12.11 10.64
C LEU E 140 -31.27 -12.78 11.99
N ALA E 141 -32.11 -12.16 12.82
CA ALA E 141 -32.27 -12.63 14.16
C ALA E 141 -33.18 -13.86 14.15
N LYS E 142 -34.34 -13.74 13.49
CA LYS E 142 -35.22 -14.88 13.24
C LYS E 142 -34.46 -16.02 12.59
N PHE E 143 -33.46 -15.69 11.77
CA PHE E 143 -32.75 -16.71 10.99
C PHE E 143 -31.74 -17.44 11.86
N THR E 144 -31.17 -16.75 12.83
CA THR E 144 -30.21 -17.40 13.71
C THR E 144 -30.94 -18.41 14.61
N ILE E 145 -32.19 -18.11 14.94
CA ILE E 145 -32.97 -18.99 15.79
C ILE E 145 -33.40 -20.20 14.99
N ALA E 146 -34.06 -19.95 13.86
CA ALA E 146 -34.37 -21.02 12.93
C ALA E 146 -33.20 -21.99 12.84
N VAL E 147 -32.02 -21.48 12.50
CA VAL E 147 -30.85 -22.35 12.36
C VAL E 147 -30.63 -23.25 13.57
N ILE E 148 -30.74 -22.69 14.76
CA ILE E 148 -30.35 -23.41 15.98
C ILE E 148 -31.32 -24.52 16.32
N ASN E 149 -32.61 -24.20 16.26
CA ASN E 149 -33.66 -25.18 16.50
C ASN E 149 -33.77 -26.24 15.41
N THR E 150 -33.66 -25.84 14.14
CA THR E 150 -33.83 -26.81 13.05
C THR E 150 -32.52 -27.45 12.59
N LYS E 151 -31.41 -27.13 13.26
CA LYS E 151 -30.11 -27.69 12.88
C LYS E 151 -29.68 -27.36 11.45
N GLY E 152 -30.10 -26.19 10.97
CA GLY E 152 -29.70 -25.73 9.65
C GLY E 152 -30.81 -25.90 8.63
N ARG E 153 -31.76 -26.76 8.93
CA ARG E 153 -32.93 -26.96 8.07
C ARG E 153 -33.93 -25.84 8.32
N VAL E 154 -33.56 -24.64 7.90
CA VAL E 154 -34.36 -23.46 8.19
C VAL E 154 -35.58 -23.42 7.27
N GLY E 155 -35.46 -24.08 6.12
CA GLY E 155 -36.56 -24.18 5.19
C GLY E 155 -36.51 -23.15 4.09
N ASP E 156 -37.29 -23.36 3.03
CA ASP E 156 -37.19 -22.52 1.85
C ASP E 156 -37.78 -21.12 2.04
N GLU E 157 -38.87 -21.00 2.78
CA GLU E 157 -39.47 -19.69 2.99
C GLU E 157 -38.56 -18.79 3.84
N ALA E 158 -37.98 -19.35 4.89
CA ALA E 158 -37.17 -18.55 5.80
C ALA E 158 -35.84 -18.12 5.18
N PHE E 159 -35.39 -18.85 4.17
CA PHE E 159 -34.11 -18.60 3.53
C PHE E 159 -34.32 -17.57 2.44
N ALA E 160 -35.46 -17.66 1.75
CA ALA E 160 -35.77 -16.66 0.75
C ALA E 160 -35.88 -15.29 1.40
N ASP E 161 -36.45 -15.26 2.61
CA ASP E 161 -36.64 -14.02 3.36
C ASP E 161 -35.32 -13.39 3.78
N PHE E 162 -34.39 -14.26 4.18
CA PHE E 162 -33.03 -13.88 4.53
C PHE E 162 -32.48 -13.14 3.32
N LEU E 163 -32.55 -13.81 2.17
CA LEU E 163 -32.10 -13.21 0.93
C LEU E 163 -32.84 -11.92 0.61
N GLU E 164 -34.18 -11.96 0.57
CA GLU E 164 -34.98 -10.76 0.35
C GLU E 164 -34.45 -9.51 1.08
N VAL E 165 -34.11 -9.68 2.36
CA VAL E 165 -33.74 -8.54 3.19
C VAL E 165 -32.39 -7.94 2.76
N GLY E 166 -31.65 -8.69 1.96
CA GLY E 166 -30.39 -8.19 1.42
C GLY E 166 -29.22 -9.13 1.69
N TYR E 167 -29.47 -10.23 2.39
CA TYR E 167 -28.35 -11.12 2.71
C TYR E 167 -28.01 -12.08 1.59
N THR E 168 -26.92 -12.84 1.77
CA THR E 168 -26.42 -13.72 0.72
C THR E 168 -26.24 -15.14 1.21
N PRO E 169 -26.01 -16.07 0.27
CA PRO E 169 -25.68 -17.41 0.73
C PRO E 169 -24.41 -17.36 1.58
N GLU E 170 -23.53 -16.41 1.27
CA GLU E 170 -22.31 -16.24 2.06
C GLU E 170 -22.63 -15.87 3.51
N ASN E 171 -23.47 -14.86 3.69
CA ASN E 171 -23.85 -14.45 5.02
C ASN E 171 -24.44 -15.64 5.79
N ALA E 172 -25.25 -16.44 5.10
CA ALA E 172 -25.89 -17.60 5.73
C ALA E 172 -24.87 -18.52 6.39
N LEU E 173 -23.91 -19.00 5.60
CA LEU E 173 -22.83 -19.84 6.12
C LEU E 173 -22.00 -19.13 7.19
N ASP E 174 -22.04 -17.80 7.19
CA ASP E 174 -21.28 -17.03 8.18
C ASP E 174 -22.05 -16.93 9.49
N VAL E 175 -23.37 -16.79 9.37
CA VAL E 175 -24.26 -17.06 10.49
C VAL E 175 -23.99 -18.44 11.11
N VAL E 176 -24.04 -19.48 10.27
CA VAL E 176 -23.77 -20.83 10.77
C VAL E 176 -22.42 -20.84 11.51
N LEU E 177 -21.47 -20.08 10.98
CA LEU E 177 -20.18 -19.89 11.62
C LEU E 177 -20.37 -19.44 13.07
N GLY E 178 -21.15 -18.39 13.27
CA GLY E 178 -21.37 -17.84 14.60
C GLY E 178 -22.13 -18.78 15.51
N VAL E 179 -23.11 -19.50 14.95
CA VAL E 179 -23.87 -20.48 15.71
C VAL E 179 -22.92 -21.52 16.27
N SER E 180 -22.03 -22.02 15.43
CA SER E 180 -21.00 -22.96 15.87
C SER E 180 -20.07 -22.36 16.94
N LEU E 181 -19.75 -21.07 16.81
CA LEU E 181 -18.94 -20.41 17.83
C LEU E 181 -19.69 -20.46 19.15
N ALA E 182 -20.93 -19.98 19.13
CA ALA E 182 -21.74 -19.85 20.34
C ALA E 182 -22.03 -21.19 21.02
N SER E 183 -22.05 -22.26 20.25
CA SER E 183 -22.36 -23.55 20.85
C SER E 183 -21.20 -23.91 21.78
N LEU E 184 -20.00 -23.53 21.38
CA LEU E 184 -18.81 -23.77 22.18
C LEU E 184 -18.86 -23.09 23.55
N CYS E 185 -19.18 -21.81 23.57
CA CYS E 185 -19.18 -21.06 24.83
C CYS E 185 -20.52 -21.16 25.56
N ASN E 186 -21.58 -21.45 24.82
CA ASN E 186 -22.89 -21.63 25.44
C ASN E 186 -22.96 -22.98 26.15
N TYR E 187 -22.65 -24.05 25.42
CA TYR E 187 -22.73 -25.39 25.98
C TYR E 187 -21.81 -25.55 27.18
N ALA E 188 -20.61 -24.98 27.10
CA ALA E 188 -19.66 -25.10 28.20
C ALA E 188 -20.12 -24.29 29.41
N ASN E 189 -20.56 -23.06 29.17
CA ASN E 189 -21.06 -22.24 30.27
C ASN E 189 -22.27 -22.93 30.90
N ASN E 190 -23.15 -23.44 30.04
CA ASN E 190 -24.35 -24.18 30.45
C ASN E 190 -24.02 -25.38 31.31
N MSE E 191 -22.87 -25.98 31.06
CA MSE E 191 -22.47 -27.20 31.75
C MSE E 191 -21.96 -26.89 33.16
O MSE E 191 -22.63 -27.19 34.15
CB MSE E 191 -21.39 -27.93 30.93
CG MSE E 191 -21.19 -29.40 31.28
SE MSE E 191 -19.64 -30.18 30.39
CE MSE E 191 -20.40 -30.56 28.65
N ALA E 192 -20.78 -26.28 33.26
CA ALA E 192 -20.20 -25.92 34.56
C ALA E 192 -21.06 -24.93 35.33
N ASP E 193 -22.13 -24.45 34.70
CA ASP E 193 -22.96 -23.40 35.29
C ASP E 193 -22.09 -22.27 35.84
N THR E 194 -21.22 -21.76 34.99
CA THR E 194 -20.25 -20.75 35.37
C THR E 194 -20.93 -19.48 35.89
N PRO E 195 -20.54 -19.04 37.10
CA PRO E 195 -21.09 -17.85 37.75
C PRO E 195 -20.66 -16.57 37.05
N ILE E 196 -21.52 -15.55 37.07
CA ILE E 196 -21.25 -14.30 36.36
C ILE E 196 -20.25 -13.41 37.09
N ASN E 197 -19.21 -12.98 36.38
CA ASN E 197 -18.22 -12.07 36.93
C ASN E 197 -18.84 -10.80 37.52
N PRO E 198 -18.23 -10.28 38.59
CA PRO E 198 -18.73 -9.06 39.22
C PRO E 198 -18.74 -7.91 38.22
N GLU E 199 -17.58 -7.64 37.62
CA GLU E 199 -17.45 -6.60 36.61
C GLU E 199 -18.55 -6.69 35.56
N SER F 24 -31.87 -25.12 -6.09
CA SER F 24 -30.88 -25.24 -5.02
C SER F 24 -30.41 -23.90 -4.43
N LYS F 25 -29.88 -23.97 -3.21
CA LYS F 25 -29.57 -22.78 -2.43
C LYS F 25 -28.12 -22.31 -2.61
N PHE F 26 -27.19 -23.26 -2.59
CA PHE F 26 -25.77 -22.93 -2.70
C PHE F 26 -25.17 -23.53 -3.96
N THR F 27 -24.16 -22.86 -4.48
CA THR F 27 -23.31 -23.43 -5.52
C THR F 27 -22.31 -24.32 -4.80
N ILE F 28 -21.99 -25.47 -5.37
CA ILE F 28 -20.87 -26.24 -4.84
C ILE F 28 -19.65 -25.82 -5.65
N HIS F 29 -18.71 -25.11 -5.04
CA HIS F 29 -17.61 -24.57 -5.84
C HIS F 29 -16.57 -25.59 -6.28
N THR F 30 -16.09 -25.41 -7.52
CA THR F 30 -14.90 -26.08 -7.99
C THR F 30 -13.78 -25.09 -7.77
N ILE F 31 -12.59 -25.40 -8.28
CA ILE F 31 -11.46 -24.49 -8.18
C ILE F 31 -11.63 -23.29 -9.12
N GLU F 32 -12.32 -23.48 -10.23
CA GLU F 32 -12.46 -22.41 -11.23
C GLU F 32 -13.60 -21.43 -10.97
N THR F 33 -14.48 -21.75 -10.03
CA THR F 33 -15.62 -20.88 -9.74
C THR F 33 -15.42 -20.13 -8.44
N ALA F 34 -14.73 -20.78 -7.51
CA ALA F 34 -14.56 -20.30 -6.14
C ALA F 34 -13.86 -18.95 -6.05
N PRO F 35 -14.08 -18.22 -4.93
CA PRO F 35 -13.41 -16.94 -4.70
C PRO F 35 -11.91 -17.16 -4.62
N GLU F 36 -11.15 -16.26 -5.27
CA GLU F 36 -9.71 -16.41 -5.46
C GLU F 36 -8.98 -16.81 -4.19
N ARG F 37 -9.30 -16.16 -3.07
CA ARG F 37 -8.51 -16.36 -1.85
C ARG F 37 -8.53 -17.79 -1.36
N VAL F 38 -9.26 -18.63 -2.08
CA VAL F 38 -9.57 -19.96 -1.62
C VAL F 38 -9.18 -21.04 -2.63
N LYS F 39 -8.99 -20.62 -3.88
CA LYS F 39 -8.69 -21.55 -4.96
C LYS F 39 -7.56 -22.50 -4.58
N GLU F 40 -6.62 -22.04 -3.75
CA GLU F 40 -5.43 -22.84 -3.44
C GLU F 40 -5.72 -23.95 -2.45
N THR F 41 -6.36 -23.60 -1.34
CA THR F 41 -6.85 -24.63 -0.43
C THR F 41 -7.59 -25.68 -1.25
N LEU F 42 -8.64 -25.25 -1.94
CA LEU F 42 -9.44 -26.17 -2.76
C LEU F 42 -8.56 -27.11 -3.58
N ARG F 43 -7.54 -26.54 -4.20
CA ARG F 43 -6.60 -27.31 -5.01
C ARG F 43 -5.84 -28.31 -4.14
N THR F 44 -5.37 -27.84 -2.98
CA THR F 44 -4.67 -28.72 -2.04
C THR F 44 -5.59 -29.82 -1.51
N VAL F 45 -6.89 -29.52 -1.47
CA VAL F 45 -7.86 -30.52 -1.10
C VAL F 45 -7.96 -31.59 -2.16
N LYS F 46 -8.19 -31.20 -3.42
CA LYS F 46 -8.32 -32.16 -4.50
C LYS F 46 -7.17 -33.16 -4.52
N LYS F 47 -5.94 -32.65 -4.64
CA LYS F 47 -4.77 -33.52 -4.69
C LYS F 47 -4.70 -34.57 -3.58
N ASP F 48 -4.90 -34.15 -2.34
CA ASP F 48 -4.75 -35.08 -1.22
C ASP F 48 -6.02 -35.84 -0.87
N ASN F 49 -7.08 -35.61 -1.65
CA ASN F 49 -8.31 -36.41 -1.55
C ASN F 49 -8.38 -37.42 -2.69
N GLY F 50 -7.30 -37.51 -3.45
CA GLY F 50 -7.21 -38.51 -4.50
C GLY F 50 -7.85 -38.06 -5.80
N GLY F 51 -8.17 -36.78 -5.89
CA GLY F 51 -8.63 -36.22 -7.14
C GLY F 51 -10.05 -35.71 -7.14
N TYR F 52 -10.61 -35.51 -5.94
CA TYR F 52 -11.97 -34.98 -5.85
C TYR F 52 -12.14 -34.02 -4.68
N ILE F 53 -13.16 -33.16 -4.77
CA ILE F 53 -13.45 -32.25 -3.68
C ILE F 53 -14.69 -32.66 -2.92
N PRO F 54 -14.51 -33.11 -1.68
CA PRO F 54 -15.64 -33.43 -0.81
C PRO F 54 -16.62 -32.27 -0.85
N ASN F 55 -17.86 -32.52 -1.27
CA ASN F 55 -18.79 -31.45 -1.61
C ASN F 55 -19.08 -30.48 -0.47
N LEU F 56 -18.79 -30.90 0.75
CA LEU F 56 -18.83 -30.03 1.92
C LEU F 56 -17.87 -28.83 1.78
N ILE F 57 -16.67 -29.07 1.26
CA ILE F 57 -15.68 -28.01 1.05
C ILE F 57 -16.13 -27.10 -0.08
N GLY F 58 -16.62 -27.68 -1.16
CA GLY F 58 -17.21 -26.89 -2.22
C GLY F 58 -18.29 -26.00 -1.67
N LEU F 59 -18.97 -26.46 -0.60
CA LEU F 59 -20.01 -25.63 0.03
C LEU F 59 -19.44 -24.47 0.87
N LEU F 60 -18.40 -24.73 1.66
CA LEU F 60 -17.85 -23.72 2.57
C LEU F 60 -17.04 -22.64 1.86
N ALA F 61 -16.55 -22.94 0.67
CA ALA F 61 -15.84 -21.95 -0.12
C ALA F 61 -16.68 -20.68 -0.34
N ASN F 62 -17.99 -20.82 -0.29
CA ASN F 62 -18.87 -19.65 -0.40
C ASN F 62 -18.64 -18.64 0.71
N ALA F 63 -18.16 -19.12 1.87
CA ALA F 63 -17.79 -18.21 2.94
C ALA F 63 -16.43 -18.62 3.49
N PRO F 64 -15.37 -18.08 2.87
CA PRO F 64 -13.98 -18.46 3.19
C PRO F 64 -13.72 -18.37 4.69
N THR F 65 -14.42 -17.49 5.40
CA THR F 65 -14.40 -17.52 6.87
C THR F 65 -14.92 -18.87 7.45
N ALA F 66 -16.00 -19.40 6.89
CA ALA F 66 -16.54 -20.69 7.35
C ALA F 66 -15.60 -21.83 6.93
N LEU F 67 -15.18 -21.83 5.68
CA LEU F 67 -14.23 -22.84 5.20
C LEU F 67 -12.98 -22.83 6.09
N GLU F 68 -12.46 -21.64 6.34
CA GLU F 68 -11.28 -21.44 7.19
C GLU F 68 -11.54 -21.97 8.60
N THR F 69 -12.65 -21.53 9.21
CA THR F 69 -13.04 -21.99 10.54
C THR F 69 -13.09 -23.51 10.60
N TYR F 70 -13.63 -24.11 9.56
CA TYR F 70 -13.80 -25.56 9.54
C TYR F 70 -12.43 -26.26 9.46
N ARG F 71 -11.54 -25.76 8.61
CA ARG F 71 -10.25 -26.43 8.40
C ARG F 71 -9.27 -26.20 9.55
N THR F 72 -9.11 -24.95 9.95
CA THR F 72 -8.30 -24.65 11.13
C THR F 72 -8.81 -25.41 12.35
N VAL F 73 -10.07 -25.19 12.72
CA VAL F 73 -10.65 -25.80 13.92
C VAL F 73 -10.49 -27.31 14.01
N GLY F 74 -10.58 -27.99 12.87
CA GLY F 74 -10.34 -29.42 12.82
C GLY F 74 -8.97 -29.76 13.34
N GLU F 75 -7.96 -29.01 12.87
CA GLU F 75 -6.58 -29.18 13.30
C GLU F 75 -6.43 -29.07 14.81
N ILE F 76 -7.05 -28.06 15.40
CA ILE F 76 -6.99 -27.87 16.84
C ILE F 76 -7.66 -29.03 17.58
N ASN F 77 -8.69 -29.60 16.97
CA ASN F 77 -9.43 -30.69 17.58
C ASN F 77 -8.61 -31.97 17.59
N ARG F 78 -7.97 -32.26 16.46
CA ARG F 78 -7.11 -33.44 16.32
C ARG F 78 -5.87 -33.30 17.19
N ARG F 79 -5.81 -32.21 17.95
CA ARG F 79 -4.69 -31.91 18.80
C ARG F 79 -5.16 -31.90 20.24
N ASN F 80 -6.38 -32.39 20.45
CA ASN F 80 -6.99 -32.30 21.77
C ASN F 80 -6.80 -33.55 22.62
N SER F 81 -7.27 -33.46 23.86
CA SER F 81 -7.03 -34.49 24.88
C SER F 81 -7.87 -35.76 24.71
N LEU F 82 -8.44 -35.95 23.51
CA LEU F 82 -9.15 -37.19 23.22
C LEU F 82 -8.37 -37.96 22.15
N THR F 83 -8.59 -39.26 22.06
CA THR F 83 -7.83 -40.10 21.14
C THR F 83 -8.42 -40.07 19.74
N PRO F 84 -7.62 -40.42 18.72
CA PRO F 84 -8.10 -40.44 17.34
C PRO F 84 -9.40 -41.24 17.19
N THR F 85 -9.53 -42.33 17.95
CA THR F 85 -10.76 -43.10 17.96
C THR F 85 -11.88 -42.32 18.65
N GLU F 86 -11.61 -41.90 19.88
CA GLU F 86 -12.57 -41.11 20.67
C GLU F 86 -13.09 -39.87 19.94
N ARG F 87 -12.20 -39.15 19.25
CA ARG F 87 -12.64 -37.97 18.50
C ARG F 87 -13.72 -38.33 17.49
N GLU F 88 -13.46 -39.36 16.69
CA GLU F 88 -14.46 -39.90 15.78
C GLU F 88 -15.70 -40.44 16.48
N VAL F 89 -15.54 -40.84 17.74
CA VAL F 89 -16.70 -41.26 18.52
C VAL F 89 -17.62 -40.06 18.66
N VAL F 90 -17.05 -38.91 19.03
CA VAL F 90 -17.86 -37.71 19.21
C VAL F 90 -18.43 -37.24 17.86
N GLN F 91 -17.57 -37.15 16.86
CA GLN F 91 -17.97 -36.72 15.52
C GLN F 91 -19.09 -37.57 14.90
N ILE F 92 -18.82 -38.86 14.69
CA ILE F 92 -19.80 -39.73 14.02
C ILE F 92 -21.17 -39.73 14.70
N THR F 93 -21.14 -39.75 16.03
CA THR F 93 -22.34 -39.75 16.85
C THR F 93 -23.09 -38.43 16.78
N ALA F 94 -22.34 -37.34 16.65
CA ALA F 94 -22.93 -36.00 16.58
C ALA F 94 -23.63 -35.84 15.25
N ALA F 95 -23.00 -36.37 14.20
CA ALA F 95 -23.58 -36.32 12.87
C ALA F 95 -24.94 -37.02 12.86
N VAL F 96 -25.01 -38.21 13.45
CA VAL F 96 -26.27 -38.93 13.52
C VAL F 96 -27.28 -38.20 14.38
N THR F 97 -26.87 -37.75 15.57
CA THR F 97 -27.81 -37.01 16.41
C THR F 97 -28.27 -35.73 15.73
N ASN F 98 -27.51 -35.29 14.73
CA ASN F 98 -27.80 -34.06 13.97
C ASN F 98 -28.53 -34.29 12.65
N GLY F 99 -28.72 -35.55 12.26
CA GLY F 99 -29.46 -35.86 11.05
C GLY F 99 -28.76 -35.44 9.77
N CYS F 100 -27.43 -35.53 9.79
CA CYS F 100 -26.64 -35.13 8.63
C CYS F 100 -25.98 -36.31 7.92
N ALA F 101 -26.55 -36.69 6.78
CA ALA F 101 -26.10 -37.86 6.04
C ALA F 101 -24.72 -37.72 5.39
N PHE F 102 -24.34 -36.51 4.99
CA PHE F 102 -23.04 -36.33 4.36
C PHE F 102 -21.94 -36.61 5.37
N CYS F 103 -22.14 -36.11 6.58
CA CYS F 103 -21.13 -36.19 7.62
C CYS F 103 -21.02 -37.57 8.25
N VAL F 104 -22.12 -38.32 8.27
CA VAL F 104 -22.07 -39.73 8.64
C VAL F 104 -21.22 -40.43 7.58
N ALA F 105 -21.63 -40.29 6.33
CA ALA F 105 -20.90 -40.91 5.22
C ALA F 105 -19.42 -40.50 5.19
N GLY F 106 -19.11 -39.27 5.59
CA GLY F 106 -17.76 -38.75 5.49
C GLY F 106 -16.83 -39.20 6.60
N HIS F 107 -17.32 -39.19 7.83
CA HIS F 107 -16.52 -39.66 8.95
C HIS F 107 -16.35 -41.17 8.92
N THR F 108 -17.30 -41.85 8.28
CA THR F 108 -17.19 -43.29 8.08
C THR F 108 -16.03 -43.59 7.14
N ALA F 109 -15.86 -42.73 6.14
CA ALA F 109 -14.72 -42.81 5.22
C ALA F 109 -13.43 -42.64 5.99
N PHE F 110 -13.37 -41.57 6.76
CA PHE F 110 -12.17 -41.24 7.50
C PHE F 110 -11.86 -42.29 8.55
N SER F 111 -12.89 -43.03 8.95
CA SER F 111 -12.76 -44.06 10.00
C SER F 111 -12.22 -45.39 9.47
N ILE F 112 -12.59 -45.72 8.24
CA ILE F 112 -12.14 -46.95 7.61
C ILE F 112 -10.77 -46.74 6.96
N LYS F 113 -10.58 -45.53 6.43
CA LYS F 113 -9.34 -45.21 5.74
C LYS F 113 -8.20 -44.87 6.71
N GLN F 114 -8.46 -43.95 7.64
CA GLN F 114 -7.37 -43.33 8.38
C GLN F 114 -7.18 -43.84 9.82
N ILE F 115 -8.18 -44.52 10.36
CA ILE F 115 -8.06 -45.16 11.67
C ILE F 115 -8.06 -46.69 11.56
N GLN F 116 -8.74 -47.20 10.54
CA GLN F 116 -8.96 -48.64 10.41
C GLN F 116 -9.82 -49.14 11.58
N MSE F 117 -11.01 -48.56 11.68
CA MSE F 117 -11.91 -48.81 12.80
C MSE F 117 -12.60 -50.16 12.71
O MSE F 117 -13.02 -50.59 11.64
CB MSE F 117 -12.94 -47.69 12.91
CG MSE F 117 -13.78 -47.70 14.18
SE MSE F 117 -14.88 -46.09 14.39
CE MSE F 117 -13.43 -44.79 14.32
N ALA F 118 -12.72 -50.82 13.86
CA ALA F 118 -13.41 -52.09 13.97
C ALA F 118 -14.79 -52.04 13.31
N PRO F 119 -14.99 -52.88 12.26
CA PRO F 119 -16.26 -52.97 11.54
C PRO F 119 -17.43 -52.93 12.50
N ASP F 120 -17.19 -53.47 13.71
CA ASP F 120 -18.18 -53.51 14.77
C ASP F 120 -18.42 -52.12 15.36
N LEU F 121 -17.35 -51.49 15.79
CA LEU F 121 -17.44 -50.20 16.47
C LEU F 121 -18.07 -49.14 15.59
N LEU F 122 -17.75 -49.18 14.30
CA LEU F 122 -18.30 -48.24 13.34
C LEU F 122 -19.82 -48.38 13.22
N GLU F 123 -20.31 -49.61 13.28
CA GLU F 123 -21.74 -49.86 13.14
C GLU F 123 -22.52 -49.31 14.35
N ALA F 124 -22.06 -49.65 15.55
CA ALA F 124 -22.65 -49.11 16.77
C ALA F 124 -22.60 -47.59 16.82
N LEU F 125 -21.56 -47.01 16.23
CA LEU F 125 -21.43 -45.55 16.20
C LEU F 125 -22.44 -44.96 15.21
N ARG F 126 -22.43 -45.49 14.00
CA ARG F 126 -23.34 -45.08 12.92
C ARG F 126 -24.83 -45.27 13.26
N ASN F 127 -25.15 -46.25 14.11
CA ASN F 127 -26.55 -46.52 14.45
C ASN F 127 -26.97 -45.89 15.79
N ALA F 128 -26.04 -45.21 16.44
CA ALA F 128 -26.25 -44.72 17.80
C ALA F 128 -26.66 -45.88 18.70
N THR F 129 -25.98 -47.00 18.45
CA THR F 129 -26.23 -48.24 19.16
C THR F 129 -25.16 -48.48 20.21
N PRO F 130 -25.51 -49.21 21.27
CA PRO F 130 -24.61 -49.59 22.35
C PRO F 130 -23.27 -50.16 21.86
N ILE F 131 -22.19 -49.58 22.36
CA ILE F 131 -20.84 -50.07 22.11
C ILE F 131 -20.49 -51.11 23.15
N ASP F 132 -20.43 -52.37 22.73
CA ASP F 132 -20.45 -53.47 23.68
C ASP F 132 -19.15 -53.70 24.44
N ASP F 133 -18.09 -54.12 23.74
CA ASP F 133 -16.83 -54.46 24.42
C ASP F 133 -15.98 -53.22 24.71
N ASP F 134 -16.57 -52.24 25.39
CA ASP F 134 -15.84 -51.01 25.74
C ASP F 134 -16.72 -50.05 26.54
N PRO F 135 -16.70 -50.19 27.88
CA PRO F 135 -17.53 -49.37 28.78
C PRO F 135 -17.06 -47.92 28.77
N LYS F 136 -16.00 -47.65 28.02
CA LYS F 136 -15.46 -46.30 27.94
C LYS F 136 -15.96 -45.60 26.68
N LEU F 137 -16.04 -46.34 25.58
CA LEU F 137 -16.45 -45.73 24.32
C LEU F 137 -17.95 -45.50 24.29
N ASP F 138 -18.70 -46.48 24.77
CA ASP F 138 -20.15 -46.38 24.83
C ASP F 138 -20.53 -45.15 25.67
N THR F 139 -19.80 -44.94 26.76
CA THR F 139 -20.12 -43.87 27.69
C THR F 139 -19.85 -42.50 27.06
N LEU F 140 -18.83 -42.44 26.20
CA LEU F 140 -18.47 -41.22 25.49
C LEU F 140 -19.53 -40.84 24.47
N ALA F 141 -20.07 -41.85 23.80
CA ALA F 141 -21.06 -41.63 22.75
C ALA F 141 -22.37 -41.08 23.30
N LYS F 142 -22.85 -41.69 24.38
CA LYS F 142 -24.10 -41.25 25.00
C LYS F 142 -23.94 -39.87 25.62
N PHE F 143 -22.73 -39.57 26.09
CA PHE F 143 -22.43 -38.25 26.62
C PHE F 143 -22.56 -37.20 25.53
N THR F 144 -21.93 -37.46 24.39
CA THR F 144 -22.07 -36.59 23.21
C THR F 144 -23.54 -36.27 22.93
N ILE F 145 -24.42 -37.22 23.24
CA ILE F 145 -25.85 -37.03 22.96
C ILE F 145 -26.48 -36.04 23.95
N ALA F 146 -26.36 -36.35 25.24
CA ALA F 146 -26.80 -35.42 26.27
C ALA F 146 -26.34 -34.00 25.94
N VAL F 147 -25.04 -33.82 25.77
CA VAL F 147 -24.49 -32.53 25.36
C VAL F 147 -25.34 -31.87 24.27
N ILE F 148 -25.47 -32.54 23.12
CA ILE F 148 -26.25 -32.00 22.01
C ILE F 148 -27.71 -31.70 22.39
N ASN F 149 -28.41 -32.70 22.95
CA ASN F 149 -29.80 -32.53 23.36
C ASN F 149 -29.98 -31.42 24.41
N THR F 150 -29.18 -31.46 25.46
CA THR F 150 -29.31 -30.47 26.56
C THR F 150 -28.52 -29.19 26.31
N LYS F 151 -27.80 -29.12 25.19
CA LYS F 151 -26.98 -27.95 24.89
C LYS F 151 -26.08 -27.60 26.08
N GLY F 152 -25.48 -28.63 26.68
CA GLY F 152 -24.59 -28.43 27.81
C GLY F 152 -25.10 -28.99 29.13
N ARG F 153 -26.34 -28.69 29.49
CA ARG F 153 -26.89 -29.11 30.79
C ARG F 153 -27.13 -30.62 30.90
N VAL F 154 -26.11 -31.41 30.58
CA VAL F 154 -26.23 -32.86 30.59
C VAL F 154 -26.75 -33.38 31.92
N GLY F 155 -26.64 -32.56 32.95
CA GLY F 155 -27.11 -32.94 34.27
C GLY F 155 -26.06 -33.65 35.08
N ASP F 156 -26.25 -33.60 36.40
CA ASP F 156 -25.33 -34.23 37.34
C ASP F 156 -25.13 -35.71 37.02
N GLU F 157 -26.24 -36.41 36.82
CA GLU F 157 -26.22 -37.82 36.47
C GLU F 157 -25.19 -38.08 35.38
N ALA F 158 -25.55 -37.78 34.14
CA ALA F 158 -24.69 -37.98 32.98
C ALA F 158 -23.24 -37.62 33.24
N PHE F 159 -23.01 -36.43 33.81
CA PHE F 159 -21.64 -35.96 34.03
C PHE F 159 -20.91 -36.92 34.94
N ALA F 160 -21.39 -37.07 36.18
CA ALA F 160 -20.79 -38.00 37.13
C ALA F 160 -20.50 -39.36 36.48
N ASP F 161 -21.39 -39.78 35.59
CA ASP F 161 -21.20 -41.03 34.86
C ASP F 161 -20.04 -40.93 33.86
N PHE F 162 -19.93 -39.78 33.20
CA PHE F 162 -18.85 -39.53 32.25
C PHE F 162 -17.49 -39.71 32.90
N LEU F 163 -17.22 -38.91 33.93
CA LEU F 163 -15.95 -38.94 34.64
C LEU F 163 -15.73 -40.32 35.26
N GLU F 164 -16.82 -40.87 35.81
CA GLU F 164 -16.82 -42.20 36.40
C GLU F 164 -15.93 -43.16 35.62
N VAL F 165 -16.06 -43.12 34.31
CA VAL F 165 -15.49 -44.14 33.46
C VAL F 165 -13.98 -44.06 33.34
N GLY F 166 -13.44 -42.85 33.51
CA GLY F 166 -12.01 -42.59 33.42
C GLY F 166 -11.73 -41.25 32.80
N TYR F 167 -12.75 -40.67 32.17
CA TYR F 167 -12.59 -39.39 31.50
C TYR F 167 -12.38 -38.26 32.50
N THR F 168 -11.79 -37.17 32.02
CA THR F 168 -11.48 -36.03 32.86
C THR F 168 -12.36 -34.83 32.50
N PRO F 169 -12.47 -33.87 33.43
CA PRO F 169 -13.30 -32.68 33.23
C PRO F 169 -12.86 -31.87 32.01
N GLU F 170 -11.62 -32.07 31.59
CA GLU F 170 -11.11 -31.43 30.38
C GLU F 170 -11.69 -32.13 29.16
N ASN F 171 -11.70 -33.46 29.22
CA ASN F 171 -12.27 -34.27 28.16
C ASN F 171 -13.67 -33.79 27.84
N ALA F 172 -14.44 -33.51 28.88
CA ALA F 172 -15.81 -33.07 28.70
C ALA F 172 -15.81 -31.83 27.82
N LEU F 173 -14.82 -30.97 28.01
CA LEU F 173 -14.77 -29.69 27.32
C LEU F 173 -14.18 -29.86 25.94
N ASP F 174 -13.35 -30.88 25.76
CA ASP F 174 -12.86 -31.24 24.44
C ASP F 174 -13.90 -32.08 23.67
N VAL F 175 -14.93 -32.53 24.37
CA VAL F 175 -16.05 -33.19 23.71
C VAL F 175 -16.93 -32.09 23.14
N VAL F 176 -17.11 -31.05 23.96
CA VAL F 176 -17.88 -29.88 23.55
C VAL F 176 -17.23 -29.26 22.31
N LEU F 177 -15.91 -29.39 22.22
CA LEU F 177 -15.18 -28.88 21.07
C LEU F 177 -15.60 -29.64 19.83
N GLY F 178 -15.73 -30.96 19.98
CA GLY F 178 -16.11 -31.83 18.89
C GLY F 178 -17.50 -31.50 18.42
N VAL F 179 -18.40 -31.31 19.37
CA VAL F 179 -19.78 -30.91 19.11
C VAL F 179 -19.84 -29.53 18.45
N SER F 180 -18.95 -28.62 18.85
CA SER F 180 -18.89 -27.29 18.27
C SER F 180 -18.55 -27.39 16.78
N LEU F 181 -17.41 -28.02 16.49
CA LEU F 181 -16.99 -28.31 15.12
C LEU F 181 -18.06 -29.02 14.29
N ALA F 182 -18.82 -29.89 14.95
CA ALA F 182 -19.83 -30.70 14.26
C ALA F 182 -21.02 -29.86 13.86
N SER F 183 -21.36 -28.87 14.68
CA SER F 183 -22.50 -28.03 14.38
C SER F 183 -22.20 -27.09 13.21
N LEU F 184 -20.94 -27.01 12.79
CA LEU F 184 -20.59 -26.20 11.63
C LEU F 184 -20.78 -26.99 10.34
N CYS F 185 -20.12 -28.14 10.27
CA CYS F 185 -20.35 -29.02 9.11
C CYS F 185 -21.79 -29.57 9.02
N ASN F 186 -22.31 -30.11 10.11
CA ASN F 186 -23.65 -30.71 10.10
C ASN F 186 -24.71 -29.72 9.66
N TYR F 187 -24.72 -28.56 10.32
CA TYR F 187 -25.75 -27.56 10.05
C TYR F 187 -25.66 -27.00 8.63
N ALA F 188 -24.44 -26.81 8.15
CA ALA F 188 -24.23 -26.27 6.80
C ALA F 188 -24.71 -27.26 5.73
N ASN F 189 -24.20 -28.49 5.80
CA ASN F 189 -24.75 -29.62 5.05
C ASN F 189 -26.29 -29.78 5.12
N ASN F 190 -26.86 -29.66 6.31
CA ASN F 190 -28.32 -29.80 6.43
C ASN F 190 -29.10 -28.64 5.84
N MSE F 191 -28.46 -27.47 5.77
CA MSE F 191 -29.05 -26.27 5.19
C MSE F 191 -29.09 -26.33 3.66
O MSE F 191 -30.09 -25.97 3.04
CB MSE F 191 -28.29 -25.01 5.64
CG MSE F 191 -28.95 -23.70 5.25
SE MSE F 191 -27.97 -22.09 5.84
CE MSE F 191 -28.46 -22.13 7.74
N ALA F 192 -27.99 -26.76 3.05
CA ALA F 192 -27.91 -26.83 1.59
C ALA F 192 -28.39 -28.19 1.06
N ASP F 193 -28.68 -29.11 1.97
CA ASP F 193 -28.93 -30.50 1.60
C ASP F 193 -27.88 -30.92 0.58
N THR F 194 -26.65 -30.99 1.06
CA THR F 194 -25.48 -31.22 0.22
C THR F 194 -25.58 -32.60 -0.43
N PRO F 195 -25.30 -32.67 -1.74
CA PRO F 195 -25.23 -33.98 -2.41
C PRO F 195 -23.94 -34.68 -2.02
N ILE F 196 -23.94 -36.00 -2.12
CA ILE F 196 -22.81 -36.81 -1.72
C ILE F 196 -21.94 -37.19 -2.91
N ASN F 197 -20.64 -36.96 -2.78
CA ASN F 197 -19.68 -37.35 -3.80
C ASN F 197 -19.79 -38.84 -4.06
N PRO F 198 -19.80 -39.24 -5.35
CA PRO F 198 -19.82 -40.66 -5.69
C PRO F 198 -18.73 -41.40 -4.94
N GLU F 199 -17.71 -40.67 -4.49
CA GLU F 199 -16.62 -41.30 -3.75
C GLU F 199 -17.07 -41.74 -2.36
N LEU F 200 -18.16 -41.18 -1.86
CA LEU F 200 -18.58 -41.46 -0.48
C LEU F 200 -19.90 -42.22 -0.35
N GLN F 201 -20.53 -42.54 -1.48
CA GLN F 201 -21.80 -43.26 -1.44
C GLN F 201 -21.74 -44.50 -0.57
N GLN F 202 -20.66 -45.27 -0.73
CA GLN F 202 -20.58 -46.59 -0.10
C GLN F 202 -20.67 -46.53 1.42
N TYR F 203 -20.50 -45.33 1.97
CA TYR F 203 -20.41 -45.15 3.41
C TYR F 203 -21.65 -44.52 4.00
N VAL F 204 -22.64 -44.21 3.16
CA VAL F 204 -23.82 -43.53 3.65
C VAL F 204 -24.82 -44.48 4.33
N LYS F 205 -25.21 -44.09 5.54
CA LYS F 205 -26.13 -44.86 6.37
C LYS F 205 -27.49 -45.08 5.71
N GLY F 206 -27.85 -44.13 4.85
CA GLY F 206 -29.10 -44.20 4.12
C GLY F 206 -28.91 -44.43 2.62
C1 BME G . 23.34 18.58 5.38
C2 BME G . 22.51 18.26 4.12
O1 BME G . 22.99 19.84 5.93
S2 BME G . 22.78 19.40 2.73
CL CL H . 40.22 15.88 8.30
C1 BME I . 20.25 31.11 -21.85
C2 BME I . 19.90 29.68 -22.34
O1 BME I . 19.97 32.17 -22.78
S2 BME I . 19.71 28.49 -20.97
CL CL J . 16.09 46.73 -21.07
S SO4 K . -15.39 21.70 3.87
O1 SO4 K . -15.31 20.25 4.04
O2 SO4 K . -15.38 22.03 2.45
O3 SO4 K . -16.63 22.19 4.48
O4 SO4 K . -14.25 22.33 4.53
#